data_3VNJ
#
_entry.id   3VNJ
#
_cell.length_a   79.883
_cell.length_b   115.499
_cell.length_c   91.577
_cell.angle_alpha   90.00
_cell.angle_beta   105.16
_cell.angle_gamma   90.00
#
_symmetry.space_group_name_H-M   'P 1 21 1'
#
loop_
_entity.id
_entity.type
_entity.pdbx_description
1 polymer 'Xylose isomerase domain protein TIM barrel'
2 non-polymer D-psicose
3 non-polymer 'MANGANESE (II) ION'
4 water water
#
_entity_poly.entity_id   1
_entity_poly.type   'polypeptide(L)'
_entity_poly.pdbx_seq_one_letter_code
;AMKHGIYYAYWEQEWEADYKYYIEKVAKLGFDILEIAASPLPFYSDIQINELKACAHGNGITLTVGHGPSAEQNLSSPDP
DIRKNAKAFYTDLLKRLYKLDVHLIGGALYSYWPIDYTKTIDKKGDWERSVESVREVAKVAEACGVDFCLEVLNRFENYL
INTAQEGVDFVKQVDHNNVKVMLDTFHMNIEEDSIGGAIRTAGSYLGHLHTGECNRKVPGRGRIPWVEIGEALADIGYNG
SVVMEPFVRMGGTVGSNIKVWRDISNGADEKMLDREAQAALDFSRYVLECHKHS
;
_entity_poly.pdbx_strand_id   A,B,C,D
#
loop_
_chem_comp.id
_chem_comp.type
_chem_comp.name
_chem_comp.formula
MN non-polymer 'MANGANESE (II) ION' 'Mn 2'
PSJ D-saccharide D-psicose 'C6 H12 O6'
#
# COMPACT_ATOMS: atom_id res chain seq x y z
N ALA A 1 -6.95 9.57 22.93
CA ALA A 1 -6.84 10.96 22.36
C ALA A 1 -8.13 11.48 21.68
N MET A 2 -8.60 10.80 20.62
CA MET A 2 -9.82 11.22 19.93
C MET A 2 -11.04 10.47 20.49
N LYS A 3 -12.26 10.92 20.18
CA LYS A 3 -13.47 10.23 20.61
C LYS A 3 -13.95 9.45 19.38
N HIS A 4 -14.38 8.21 19.58
CA HIS A 4 -14.83 7.41 18.44
C HIS A 4 -16.32 7.17 18.46
N GLY A 5 -16.94 7.28 17.29
CA GLY A 5 -18.37 7.06 17.17
C GLY A 5 -18.74 6.22 15.97
N ILE A 6 -20.04 5.97 15.83
CA ILE A 6 -20.55 5.23 14.69
C ILE A 6 -21.90 5.84 14.37
N TYR A 7 -22.21 5.90 13.08
CA TYR A 7 -23.47 6.45 12.62
C TYR A 7 -24.55 5.36 12.85
N TYR A 8 -25.69 5.71 13.45
CA TYR A 8 -26.74 4.72 13.76
C TYR A 8 -27.21 4.03 12.50
N ALA A 9 -27.17 4.74 11.36
CA ALA A 9 -27.67 4.16 10.11
C ALA A 9 -26.99 2.87 9.64
N TYR A 10 -25.93 2.45 10.31
CA TYR A 10 -25.26 1.20 10.00
C TYR A 10 -26.27 0.05 10.24
N TRP A 11 -27.23 0.30 11.14
CA TRP A 11 -28.24 -0.69 11.50
C TRP A 11 -29.62 -0.44 10.95
N GLU A 12 -29.81 0.67 10.23
CA GLU A 12 -31.15 1.06 9.80
C GLU A 12 -31.23 1.51 8.36
N GLN A 13 -32.41 1.39 7.79
CA GLN A 13 -32.58 1.77 6.40
C GLN A 13 -33.30 3.06 6.12
N GLU A 14 -33.67 3.83 7.15
CA GLU A 14 -34.34 5.12 6.90
C GLU A 14 -33.55 6.15 7.65
N TRP A 15 -33.66 7.42 7.28
CA TRP A 15 -32.92 8.47 7.96
C TRP A 15 -33.56 8.89 9.30
N GLU A 16 -33.98 7.91 10.09
CA GLU A 16 -34.50 8.16 11.42
C GLU A 16 -34.63 6.81 12.10
N ALA A 17 -34.71 6.81 13.42
CA ALA A 17 -34.86 5.55 14.16
C ALA A 17 -34.97 5.87 15.64
N ASP A 18 -35.15 4.85 16.46
CA ASP A 18 -35.19 5.05 17.91
C ASP A 18 -33.74 5.22 18.39
N TYR A 19 -33.24 6.45 18.40
CA TYR A 19 -31.86 6.73 18.84
C TYR A 19 -31.51 6.25 20.25
N LYS A 20 -32.50 6.26 21.13
CA LYS A 20 -32.21 5.78 22.46
C LYS A 20 -31.74 4.31 22.44
N TYR A 21 -32.35 3.51 21.57
CA TYR A 21 -31.99 2.08 21.44
C TYR A 21 -30.49 1.98 21.06
N TYR A 22 -30.12 2.78 20.07
CA TYR A 22 -28.73 2.80 19.59
C TYR A 22 -27.71 3.38 20.57
N ILE A 23 -28.16 4.33 21.42
CA ILE A 23 -27.24 4.90 22.41
C ILE A 23 -26.90 3.79 23.37
N GLU A 24 -27.92 3.01 23.74
CA GLU A 24 -27.70 1.91 24.70
C GLU A 24 -26.81 0.88 24.03
N LYS A 25 -27.05 0.58 22.76
CA LYS A 25 -26.20 -0.43 22.08
C LYS A 25 -24.70 0.00 22.00
N VAL A 26 -24.43 1.19 21.45
CA VAL A 26 -23.03 1.63 21.29
C VAL A 26 -22.30 1.88 22.56
N ALA A 27 -23.03 2.23 23.61
CA ALA A 27 -22.37 2.41 24.89
C ALA A 27 -21.84 1.06 25.33
N LYS A 28 -22.65 0.02 25.18
CA LYS A 28 -22.21 -1.33 25.56
C LYS A 28 -21.09 -1.83 24.67
N LEU A 29 -21.07 -1.43 23.40
CA LEU A 29 -19.99 -1.86 22.51
C LEU A 29 -18.71 -1.04 22.82
N GLY A 30 -18.82 0.05 23.60
CA GLY A 30 -17.63 0.84 23.92
C GLY A 30 -17.33 2.15 23.18
N PHE A 31 -18.21 2.57 22.30
CA PHE A 31 -18.06 3.83 21.55
C PHE A 31 -18.19 5.01 22.47
N ASP A 32 -17.65 6.15 22.06
CA ASP A 32 -17.74 7.37 22.86
C ASP A 32 -18.93 8.15 22.29
N ILE A 33 -19.17 7.95 21.00
CA ILE A 33 -20.21 8.67 20.28
C ILE A 33 -21.21 7.90 19.44
N LEU A 34 -22.43 8.44 19.34
CA LEU A 34 -23.44 7.90 18.45
C LEU A 34 -23.77 9.11 17.58
N GLU A 35 -23.69 8.95 16.27
CA GLU A 35 -24.05 10.05 15.37
C GLU A 35 -25.45 9.70 14.90
N ILE A 36 -26.33 10.69 14.89
CA ILE A 36 -27.71 10.46 14.51
C ILE A 36 -28.09 11.34 13.34
N ALA A 37 -29.10 10.94 12.60
CA ALA A 37 -29.58 11.75 11.47
C ALA A 37 -30.47 12.88 12.00
N ALA A 38 -30.34 14.07 11.40
CA ALA A 38 -31.12 15.25 11.83
C ALA A 38 -32.58 15.21 11.44
N SER A 39 -32.89 14.54 10.33
CA SER A 39 -34.26 14.54 9.82
C SER A 39 -35.47 14.50 10.76
N PRO A 40 -35.49 13.58 11.73
CA PRO A 40 -36.67 13.54 12.62
C PRO A 40 -36.63 14.58 13.72
N LEU A 41 -35.48 15.23 13.92
CA LEU A 41 -35.35 16.16 15.03
C LEU A 41 -36.38 17.33 15.05
N PRO A 42 -36.74 17.87 13.88
CA PRO A 42 -37.71 18.97 13.89
C PRO A 42 -39.12 18.53 14.39
N PHE A 43 -39.30 17.23 14.54
CA PHE A 43 -40.57 16.71 15.01
C PHE A 43 -40.51 16.14 16.43
N TYR A 44 -39.49 16.53 17.19
CA TYR A 44 -39.39 16.07 18.57
C TYR A 44 -40.02 17.14 19.49
N SER A 45 -40.87 16.73 20.44
CA SER A 45 -41.47 17.67 21.38
C SER A 45 -40.37 17.94 22.41
N ASP A 46 -40.54 18.94 23.27
CA ASP A 46 -39.45 19.24 24.21
C ASP A 46 -39.06 18.08 25.09
N ILE A 47 -40.05 17.35 25.57
CA ILE A 47 -39.71 16.25 26.44
C ILE A 47 -39.00 15.13 25.65
N GLN A 48 -39.30 14.95 24.37
CA GLN A 48 -38.61 13.91 23.57
C GLN A 48 -37.14 14.30 23.46
N ILE A 49 -36.88 15.59 23.26
CA ILE A 49 -35.51 16.06 23.20
C ILE A 49 -34.83 15.77 24.56
N ASN A 50 -35.47 16.17 25.66
CA ASN A 50 -34.86 15.95 26.96
C ASN A 50 -34.58 14.48 27.30
N GLU A 51 -35.47 13.60 26.90
CA GLU A 51 -35.27 12.19 27.14
C GLU A 51 -34.07 11.69 26.32
N LEU A 52 -33.95 12.15 25.07
CA LEU A 52 -32.85 11.71 24.21
C LEU A 52 -31.56 12.19 24.87
N LYS A 53 -31.54 13.47 25.26
CA LYS A 53 -30.37 14.04 25.94
C LYS A 53 -30.03 13.27 27.22
N ALA A 54 -31.05 13.04 28.05
CA ALA A 54 -30.81 12.34 29.33
C ALA A 54 -30.26 10.92 29.09
N CYS A 55 -30.75 10.27 28.03
CA CYS A 55 -30.32 8.92 27.68
C CYS A 55 -28.84 8.95 27.30
N ALA A 56 -28.43 9.90 26.45
CA ALA A 56 -27.03 10.01 26.04
C ALA A 56 -26.16 10.28 27.26
N HIS A 57 -26.56 11.26 28.08
CA HIS A 57 -25.78 11.60 29.25
C HIS A 57 -25.69 10.44 30.24
N GLY A 58 -26.83 9.81 30.50
CA GLY A 58 -26.86 8.69 31.43
C GLY A 58 -25.98 7.56 30.99
N ASN A 59 -25.79 7.40 29.68
CA ASN A 59 -24.94 6.36 29.15
C ASN A 59 -23.52 6.79 28.81
N GLY A 60 -23.16 8.03 29.16
CA GLY A 60 -21.81 8.49 28.88
C GLY A 60 -21.53 8.57 27.37
N ILE A 61 -22.57 8.80 26.59
CA ILE A 61 -22.42 8.88 25.15
C ILE A 61 -22.63 10.33 24.73
N THR A 62 -21.83 10.77 23.76
CA THR A 62 -21.94 12.12 23.20
C THR A 62 -22.60 11.93 21.85
N LEU A 63 -23.58 12.79 21.54
CA LEU A 63 -24.28 12.75 20.28
C LEU A 63 -23.74 13.75 19.26
N THR A 64 -23.52 13.30 18.02
CA THR A 64 -23.17 14.23 16.94
C THR A 64 -24.29 14.05 15.89
N VAL A 65 -24.45 15.03 15.01
CA VAL A 65 -25.51 14.95 14.02
C VAL A 65 -24.98 15.06 12.58
N GLY A 66 -25.55 14.24 11.71
CA GLY A 66 -25.22 14.27 10.31
C GLY A 66 -26.51 14.67 9.60
N HIS A 67 -26.42 15.37 8.47
CA HIS A 67 -27.63 15.73 7.73
C HIS A 67 -27.41 15.80 6.21
N GLY A 68 -28.17 15.03 5.44
CA GLY A 68 -28.07 15.14 4.00
C GLY A 68 -29.26 16.06 3.71
N PRO A 69 -29.05 17.36 3.37
CA PRO A 69 -30.22 18.23 3.12
C PRO A 69 -31.07 17.93 1.89
N SER A 70 -32.34 18.26 1.99
CA SER A 70 -33.31 18.06 0.89
C SER A 70 -33.16 19.23 -0.08
N ALA A 71 -33.75 19.17 -1.27
CA ALA A 71 -33.58 20.29 -2.20
C ALA A 71 -34.27 21.55 -1.65
N GLU A 72 -35.27 21.39 -0.78
CA GLU A 72 -35.97 22.53 -0.20
C GLU A 72 -35.14 23.22 0.89
N GLN A 73 -34.04 22.58 1.30
CA GLN A 73 -33.16 23.13 2.34
C GLN A 73 -31.80 23.54 1.78
N ASN A 74 -31.75 23.71 0.45
CA ASN A 74 -30.55 24.07 -0.30
C ASN A 74 -30.08 25.52 -0.11
N LEU A 75 -29.18 25.76 0.84
CA LEU A 75 -28.64 27.09 1.11
C LEU A 75 -27.98 27.77 -0.11
N SER A 76 -27.64 26.98 -1.12
CA SER A 76 -27.01 27.52 -2.34
C SER A 76 -28.04 27.71 -3.44
N SER A 77 -29.33 27.41 -3.21
CA SER A 77 -30.30 27.60 -4.29
C SER A 77 -30.34 29.03 -4.90
N PRO A 78 -30.58 29.13 -6.22
CA PRO A 78 -30.65 30.44 -6.87
C PRO A 78 -32.03 31.05 -6.51
N ASP A 79 -32.95 30.19 -6.12
CA ASP A 79 -34.28 30.63 -5.70
C ASP A 79 -34.19 31.27 -4.30
N PRO A 80 -34.42 32.59 -4.20
CA PRO A 80 -34.36 33.32 -2.91
C PRO A 80 -35.30 32.77 -1.82
N ASP A 81 -36.41 32.14 -2.22
CA ASP A 81 -37.34 31.57 -1.26
C ASP A 81 -36.84 30.26 -0.63
N ILE A 82 -36.13 29.46 -1.42
CA ILE A 82 -35.60 28.22 -0.93
C ILE A 82 -34.48 28.53 0.07
N ARG A 83 -33.65 29.53 -0.22
CA ARG A 83 -32.58 29.91 0.68
C ARG A 83 -33.15 30.44 2.00
N LYS A 84 -34.27 31.16 1.89
CA LYS A 84 -34.92 31.71 3.05
C LYS A 84 -35.52 30.56 3.88
N ASN A 85 -36.17 29.64 3.20
CA ASN A 85 -36.76 28.49 3.88
C ASN A 85 -35.66 27.65 4.50
N ALA A 86 -34.54 27.53 3.80
CA ALA A 86 -33.37 26.76 4.26
C ALA A 86 -32.83 27.30 5.57
N LYS A 87 -32.61 28.62 5.59
CA LYS A 87 -32.09 29.30 6.77
C LYS A 87 -33.03 29.13 7.94
N ALA A 88 -34.33 29.17 7.68
CA ALA A 88 -35.29 29.00 8.76
C ALA A 88 -35.22 27.56 9.27
N PHE A 89 -35.06 26.60 8.35
CA PHE A 89 -34.94 25.20 8.72
C PHE A 89 -33.71 25.04 9.60
N TYR A 90 -32.57 25.55 9.16
CA TYR A 90 -31.37 25.39 9.97
C TYR A 90 -31.43 26.11 11.34
N THR A 91 -31.99 27.34 11.34
CA THR A 91 -32.10 28.08 12.59
C THR A 91 -32.91 27.30 13.61
N ASP A 92 -34.04 26.81 13.18
CA ASP A 92 -34.86 26.01 14.07
C ASP A 92 -34.11 24.74 14.53
N LEU A 93 -33.42 24.08 13.59
CA LEU A 93 -32.68 22.85 13.87
C LEU A 93 -31.54 23.06 14.86
N LEU A 94 -30.76 24.14 14.67
CA LEU A 94 -29.66 24.47 15.56
C LEU A 94 -30.19 24.72 16.99
N LYS A 95 -31.37 25.33 17.10
CA LYS A 95 -31.91 25.58 18.44
C LYS A 95 -32.28 24.26 19.08
N ARG A 96 -32.73 23.29 18.28
CA ARG A 96 -33.08 21.98 18.80
C ARG A 96 -31.80 21.31 19.26
N LEU A 97 -30.73 21.46 18.47
CA LEU A 97 -29.45 20.88 18.84
C LEU A 97 -29.00 21.48 20.17
N TYR A 98 -29.26 22.77 20.36
CA TYR A 98 -28.86 23.36 21.62
C TYR A 98 -29.62 22.67 22.78
N LYS A 99 -30.91 22.43 22.60
CA LYS A 99 -31.66 21.76 23.65
C LYS A 99 -31.13 20.34 23.88
N LEU A 100 -30.62 19.73 22.80
CA LEU A 100 -30.11 18.38 22.88
C LEU A 100 -28.71 18.26 23.48
N ASP A 101 -28.04 19.40 23.64
CA ASP A 101 -26.70 19.43 24.13
C ASP A 101 -25.77 18.81 23.06
N VAL A 102 -26.10 19.05 21.79
CA VAL A 102 -25.31 18.59 20.65
C VAL A 102 -24.48 19.80 20.12
N HIS A 103 -23.21 19.58 19.86
CA HIS A 103 -22.32 20.68 19.43
C HIS A 103 -21.64 20.50 18.09
N LEU A 104 -22.15 19.56 17.30
CA LEU A 104 -21.58 19.34 15.98
C LEU A 104 -22.62 18.83 15.00
N ILE A 105 -22.69 19.45 13.82
CA ILE A 105 -23.56 18.96 12.77
C ILE A 105 -22.67 18.91 11.53
N GLY A 106 -22.87 17.91 10.69
CA GLY A 106 -22.01 17.81 9.52
C GLY A 106 -22.70 17.17 8.36
N GLY A 107 -22.10 17.28 7.18
CA GLY A 107 -22.68 16.71 5.97
C GLY A 107 -22.57 17.77 4.85
N ALA A 108 -23.36 17.65 3.78
CA ALA A 108 -23.28 18.62 2.69
C ALA A 108 -24.16 19.81 3.06
N LEU A 109 -23.84 20.46 4.16
CA LEU A 109 -24.66 21.55 4.67
C LEU A 109 -24.67 22.80 3.77
N TYR A 110 -23.75 22.85 2.81
CA TYR A 110 -23.60 23.95 1.87
C TYR A 110 -24.36 23.71 0.57
N SER A 111 -25.15 22.63 0.52
CA SER A 111 -25.86 22.25 -0.68
C SER A 111 -27.05 21.37 -0.22
N TYR A 112 -27.32 20.30 -0.96
CA TYR A 112 -28.34 19.33 -0.61
C TYR A 112 -27.76 17.98 -1.04
N TRP A 113 -28.39 16.88 -0.66
CA TRP A 113 -27.82 15.57 -0.96
C TRP A 113 -28.92 14.53 -0.80
N PRO A 114 -29.01 13.59 -1.72
CA PRO A 114 -28.15 13.45 -2.90
C PRO A 114 -28.50 14.51 -3.95
N ILE A 115 -27.51 14.93 -4.74
CA ILE A 115 -27.78 15.92 -5.75
C ILE A 115 -28.45 15.27 -6.95
N ASP A 116 -29.46 15.93 -7.48
CA ASP A 116 -30.17 15.45 -8.65
C ASP A 116 -29.39 15.99 -9.84
N TYR A 117 -28.69 15.12 -10.55
CA TYR A 117 -27.91 15.59 -11.67
C TYR A 117 -28.68 15.82 -12.96
N THR A 118 -29.98 15.61 -12.97
CA THR A 118 -30.71 15.89 -14.19
C THR A 118 -30.88 17.40 -14.31
N LYS A 119 -30.47 18.13 -13.28
CA LYS A 119 -30.55 19.59 -13.30
C LYS A 119 -29.24 20.19 -13.80
N THR A 120 -29.34 21.36 -14.45
CA THR A 120 -28.15 22.03 -14.98
C THR A 120 -27.40 22.48 -13.76
N ILE A 121 -26.08 22.45 -13.86
CA ILE A 121 -25.25 22.82 -12.75
C ILE A 121 -24.65 24.20 -12.93
N ASP A 122 -24.71 25.00 -11.89
CA ASP A 122 -24.08 26.32 -11.93
C ASP A 122 -23.13 26.37 -10.73
N LYS A 123 -21.96 25.78 -10.86
CA LYS A 123 -21.01 25.75 -9.74
C LYS A 123 -20.58 27.10 -9.24
N LYS A 124 -20.07 27.94 -10.12
CA LYS A 124 -19.60 29.25 -9.70
C LYS A 124 -20.68 30.00 -8.94
N GLY A 125 -21.88 30.03 -9.52
CA GLY A 125 -22.99 30.71 -8.90
C GLY A 125 -23.43 30.08 -7.60
N ASP A 126 -23.57 28.76 -7.59
CA ASP A 126 -23.98 28.07 -6.37
C ASP A 126 -22.93 28.26 -5.28
N TRP A 127 -21.65 28.24 -5.68
CA TRP A 127 -20.59 28.43 -4.72
C TRP A 127 -20.76 29.77 -3.99
N GLU A 128 -20.96 30.84 -4.75
CA GLU A 128 -21.11 32.20 -4.23
C GLU A 128 -22.32 32.30 -3.31
N ARG A 129 -23.47 31.83 -3.77
CA ARG A 129 -24.65 31.88 -2.91
C ARG A 129 -24.41 31.08 -1.62
N SER A 130 -23.82 29.89 -1.75
CA SER A 130 -23.59 29.02 -0.59
C SER A 130 -22.73 29.68 0.47
N VAL A 131 -21.57 30.19 0.06
CA VAL A 131 -20.66 30.88 0.95
C VAL A 131 -21.42 31.95 1.72
N GLU A 132 -22.27 32.68 1.02
CA GLU A 132 -23.06 33.73 1.66
C GLU A 132 -24.00 33.18 2.70
N SER A 133 -24.78 32.18 2.30
CA SER A 133 -25.75 31.56 3.21
C SER A 133 -25.07 30.95 4.43
N VAL A 134 -24.03 30.16 4.19
CA VAL A 134 -23.33 29.50 5.28
C VAL A 134 -22.87 30.51 6.32
N ARG A 135 -22.30 31.61 5.86
CA ARG A 135 -21.90 32.69 6.77
C ARG A 135 -22.99 33.06 7.78
N GLU A 136 -24.19 33.33 7.31
CA GLU A 136 -25.21 33.69 8.26
C GLU A 136 -25.76 32.55 9.07
N VAL A 137 -25.78 31.31 8.52
CA VAL A 137 -26.27 30.20 9.33
C VAL A 137 -25.23 29.97 10.43
N ALA A 138 -23.96 30.13 10.06
CA ALA A 138 -22.86 29.96 11.00
C ALA A 138 -23.04 30.82 12.23
N LYS A 139 -23.64 32.01 12.03
CA LYS A 139 -23.81 32.92 13.17
C LYS A 139 -24.80 32.32 14.17
N VAL A 140 -25.85 31.72 13.64
CA VAL A 140 -26.84 31.04 14.49
C VAL A 140 -26.16 29.84 15.19
N ALA A 141 -25.39 29.06 14.44
CA ALA A 141 -24.69 27.88 15.02
C ALA A 141 -23.76 28.31 16.16
N GLU A 142 -23.06 29.42 15.94
CA GLU A 142 -22.17 29.92 16.95
C GLU A 142 -22.95 30.25 18.21
N ALA A 143 -24.08 30.92 18.05
CA ALA A 143 -24.86 31.24 19.23
C ALA A 143 -25.39 29.99 19.96
N CYS A 144 -25.51 28.88 19.22
CA CYS A 144 -26.03 27.64 19.81
C CYS A 144 -24.94 26.70 20.33
N GLY A 145 -23.68 27.09 20.18
CA GLY A 145 -22.55 26.26 20.62
C GLY A 145 -22.36 25.06 19.68
N VAL A 146 -22.68 25.25 18.41
CA VAL A 146 -22.56 24.19 17.42
C VAL A 146 -21.52 24.46 16.31
N ASP A 147 -20.60 23.51 16.10
CA ASP A 147 -19.65 23.61 14.98
C ASP A 147 -20.39 23.07 13.77
N PHE A 148 -20.35 23.85 12.69
CA PHE A 148 -21.03 23.60 11.42
C PHE A 148 -19.94 22.99 10.51
N CYS A 149 -19.97 21.69 10.27
CA CYS A 149 -18.93 21.03 9.45
C CYS A 149 -19.37 20.74 8.03
N LEU A 150 -18.52 21.14 7.08
CA LEU A 150 -18.83 21.00 5.67
C LEU A 150 -18.03 19.85 5.17
N GLU A 151 -18.74 18.81 4.76
CA GLU A 151 -18.14 17.57 4.29
C GLU A 151 -17.79 17.55 2.84
N VAL A 152 -16.53 17.22 2.59
CA VAL A 152 -16.00 17.08 1.24
C VAL A 152 -16.50 15.74 0.66
N LEU A 153 -17.25 15.78 -0.44
CA LEU A 153 -17.83 14.57 -1.01
C LEU A 153 -17.30 14.27 -2.37
N ASN A 154 -17.50 13.02 -2.84
CA ASN A 154 -17.03 12.68 -4.15
C ASN A 154 -17.98 13.28 -5.21
N ARG A 155 -17.48 13.34 -6.43
CA ARG A 155 -18.15 13.92 -7.58
C ARG A 155 -19.54 13.37 -7.90
N PHE A 156 -19.79 12.11 -7.57
CA PHE A 156 -21.10 11.53 -7.86
C PHE A 156 -22.19 11.97 -6.89
N GLU A 157 -21.79 12.58 -5.77
CA GLU A 157 -22.76 12.99 -4.76
C GLU A 157 -22.95 14.49 -4.63
N ASN A 158 -21.96 15.25 -5.09
CA ASN A 158 -22.05 16.71 -5.08
C ASN A 158 -20.97 17.24 -6.04
N TYR A 159 -21.11 18.50 -6.46
CA TYR A 159 -20.17 19.13 -7.40
C TYR A 159 -19.46 20.36 -6.86
N LEU A 160 -19.86 20.84 -5.67
CA LEU A 160 -19.24 22.02 -5.09
C LEU A 160 -17.90 21.82 -4.42
N ILE A 161 -17.78 20.80 -3.58
CA ILE A 161 -16.55 20.56 -2.83
C ILE A 161 -16.22 19.07 -2.93
N ASN A 162 -15.24 18.75 -3.78
CA ASN A 162 -14.83 17.38 -4.01
C ASN A 162 -13.45 17.05 -3.43
N THR A 163 -12.66 18.04 -2.97
CA THR A 163 -11.32 17.73 -2.42
C THR A 163 -11.09 18.53 -1.17
N ALA A 164 -10.09 18.13 -0.36
CA ALA A 164 -9.81 18.88 0.88
C ALA A 164 -9.42 20.33 0.57
N GLN A 165 -8.70 20.52 -0.54
CA GLN A 165 -8.29 21.88 -0.96
C GLN A 165 -9.54 22.75 -1.25
N GLU A 166 -10.53 22.20 -1.95
CA GLU A 166 -11.75 22.96 -2.22
C GLU A 166 -12.49 23.26 -0.94
N GLY A 167 -12.46 22.28 -0.03
CA GLY A 167 -13.13 22.42 1.24
C GLY A 167 -12.45 23.52 2.03
N VAL A 168 -11.12 23.56 2.02
CA VAL A 168 -10.38 24.61 2.74
C VAL A 168 -10.66 25.96 2.09
N ASP A 169 -10.61 26.02 0.77
CA ASP A 169 -10.92 27.28 0.06
C ASP A 169 -12.30 27.79 0.45
N PHE A 170 -13.32 26.92 0.37
CA PHE A 170 -14.66 27.33 0.70
C PHE A 170 -14.77 27.79 2.17
N VAL A 171 -14.17 27.03 3.08
CA VAL A 171 -14.22 27.38 4.48
C VAL A 171 -13.47 28.68 4.83
N LYS A 172 -12.43 28.99 4.05
CA LYS A 172 -11.67 30.23 4.26
C LYS A 172 -12.51 31.40 3.81
N GLN A 173 -13.25 31.22 2.70
CA GLN A 173 -14.14 32.27 2.20
C GLN A 173 -15.20 32.56 3.22
N VAL A 174 -15.81 31.50 3.78
CA VAL A 174 -16.84 31.70 4.78
C VAL A 174 -16.22 32.52 5.88
N ASP A 175 -15.02 32.15 6.30
CA ASP A 175 -14.31 32.91 7.31
C ASP A 175 -15.09 33.11 8.62
N HIS A 176 -15.41 32.00 9.28
CA HIS A 176 -16.13 32.00 10.54
C HIS A 176 -15.55 30.89 11.40
N ASN A 177 -15.13 31.21 12.61
CA ASN A 177 -14.50 30.23 13.52
C ASN A 177 -15.16 28.85 13.69
N ASN A 178 -16.48 28.82 13.72
CA ASN A 178 -17.16 27.55 13.96
C ASN A 178 -17.56 26.82 12.70
N VAL A 179 -17.09 27.30 11.55
CA VAL A 179 -17.38 26.62 10.29
C VAL A 179 -16.10 25.87 9.97
N LYS A 180 -16.22 24.55 9.77
CA LYS A 180 -15.08 23.67 9.55
C LYS A 180 -15.19 22.71 8.37
N VAL A 181 -14.04 22.18 7.97
CA VAL A 181 -13.94 21.21 6.87
C VAL A 181 -14.13 19.84 7.53
N MET A 182 -14.74 18.92 6.81
CA MET A 182 -14.97 17.55 7.31
C MET A 182 -14.57 16.65 6.19
N LEU A 183 -13.77 15.64 6.48
CA LEU A 183 -13.29 14.69 5.49
C LEU A 183 -13.94 13.31 5.81
N ASP A 184 -13.92 12.43 4.81
CA ASP A 184 -14.52 11.12 4.94
C ASP A 184 -13.66 10.20 4.08
N THR A 185 -13.08 9.17 4.68
CA THR A 185 -12.21 8.26 3.94
C THR A 185 -12.81 7.67 2.69
N PHE A 186 -14.14 7.45 2.68
CA PHE A 186 -14.77 6.85 1.47
C PHE A 186 -14.75 7.86 0.27
N HIS A 187 -14.91 9.14 0.58
CA HIS A 187 -14.94 10.18 -0.44
C HIS A 187 -13.51 10.60 -0.86
N MET A 188 -12.59 10.62 0.10
CA MET A 188 -11.20 10.97 -0.20
C MET A 188 -10.62 9.86 -1.08
N ASN A 189 -11.04 8.63 -0.81
CA ASN A 189 -10.52 7.48 -1.56
C ASN A 189 -10.68 7.62 -3.06
N ILE A 190 -11.66 8.41 -3.47
CA ILE A 190 -11.98 8.61 -4.86
C ILE A 190 -11.27 9.84 -5.42
N GLU A 191 -11.51 10.99 -4.82
CA GLU A 191 -11.00 12.27 -5.32
C GLU A 191 -9.59 12.74 -5.04
N GLU A 192 -9.00 12.31 -3.91
CA GLU A 192 -7.68 12.77 -3.52
C GLU A 192 -6.47 12.12 -4.19
N ASP A 193 -5.44 12.94 -4.42
CA ASP A 193 -4.20 12.41 -5.00
C ASP A 193 -3.49 11.69 -3.87
N SER A 194 -3.57 12.25 -2.67
CA SER A 194 -2.91 11.70 -1.47
C SER A 194 -3.84 11.72 -0.23
N ILE A 195 -3.89 10.64 0.55
CA ILE A 195 -4.77 10.65 1.73
C ILE A 195 -4.16 11.49 2.82
N GLY A 196 -2.91 11.22 3.17
CA GLY A 196 -2.26 12.03 4.19
C GLY A 196 -2.18 13.48 3.72
N GLY A 197 -1.90 13.67 2.43
CA GLY A 197 -1.84 15.03 1.92
C GLY A 197 -3.13 15.80 2.21
N ALA A 198 -4.27 15.19 1.87
CA ALA A 198 -5.59 15.80 2.09
C ALA A 198 -5.80 16.22 3.54
N ILE A 199 -5.48 15.31 4.45
CA ILE A 199 -5.61 15.58 5.87
C ILE A 199 -4.69 16.76 6.26
N ARG A 200 -3.43 16.71 5.85
CA ARG A 200 -2.48 17.78 6.19
C ARG A 200 -3.00 19.10 5.52
N THR A 201 -3.60 18.98 4.35
CA THR A 201 -4.16 20.13 3.70
C THR A 201 -5.31 20.69 4.59
N ALA A 202 -6.21 19.83 5.08
CA ALA A 202 -7.31 20.28 5.94
C ALA A 202 -6.72 20.97 7.17
N GLY A 203 -5.65 20.38 7.70
CA GLY A 203 -4.96 20.96 8.83
C GLY A 203 -5.81 21.41 9.99
N SER A 204 -5.64 22.68 10.39
CA SER A 204 -6.37 23.23 11.52
C SER A 204 -7.85 23.44 11.26
N TYR A 205 -8.29 23.25 10.02
CA TYR A 205 -9.70 23.43 9.71
C TYR A 205 -10.50 22.15 9.89
N LEU A 206 -9.81 21.03 9.95
CA LEU A 206 -10.49 19.74 10.08
C LEU A 206 -11.32 19.70 11.35
N GLY A 207 -12.62 19.62 11.21
CA GLY A 207 -13.43 19.59 12.41
C GLY A 207 -14.14 18.27 12.67
N HIS A 208 -14.21 17.40 11.66
CA HIS A 208 -14.89 16.12 11.85
C HIS A 208 -14.33 15.16 10.82
N LEU A 209 -14.40 13.87 11.15
CA LEU A 209 -13.87 12.82 10.27
C LEU A 209 -14.79 11.59 10.26
N HIS A 210 -15.24 11.20 9.06
CA HIS A 210 -16.07 10.01 8.88
C HIS A 210 -15.16 8.88 8.35
N THR A 211 -15.36 7.65 8.82
CA THR A 211 -14.53 6.55 8.33
C THR A 211 -15.33 5.40 7.74
N GLY A 212 -14.70 4.66 6.82
CA GLY A 212 -15.36 3.54 6.19
C GLY A 212 -14.41 3.06 5.14
N GLU A 213 -14.46 1.77 4.79
CA GLU A 213 -13.56 1.24 3.77
C GLU A 213 -13.96 1.78 2.40
N CYS A 214 -13.21 1.40 1.36
CA CYS A 214 -13.50 1.89 0.00
C CYS A 214 -14.90 1.68 -0.51
N ASN A 215 -15.51 0.56 -0.13
CA ASN A 215 -16.84 0.20 -0.57
C ASN A 215 -17.82 0.30 0.63
N ARG A 216 -17.36 0.99 1.67
CA ARG A 216 -18.14 1.31 2.88
C ARG A 216 -18.32 0.26 3.94
N LYS A 217 -17.43 -0.72 3.95
CA LYS A 217 -17.48 -1.75 5.00
C LYS A 217 -16.89 -1.08 6.22
N VAL A 218 -17.01 -1.74 7.39
CA VAL A 218 -16.44 -1.17 8.59
C VAL A 218 -14.91 -1.08 8.43
N PRO A 219 -14.30 -0.07 9.04
CA PRO A 219 -12.85 0.16 8.98
C PRO A 219 -11.97 -1.01 9.41
N GLY A 220 -10.92 -1.25 8.62
CA GLY A 220 -9.92 -2.25 8.96
C GLY A 220 -9.55 -3.38 8.04
N ARG A 221 -10.50 -3.95 7.32
CA ARG A 221 -10.18 -5.09 6.48
C ARG A 221 -10.13 -4.80 4.99
N GLY A 222 -10.26 -3.51 4.62
CA GLY A 222 -10.23 -3.10 3.22
C GLY A 222 -8.93 -2.40 2.81
N ARG A 223 -8.99 -1.56 1.79
CA ARG A 223 -7.74 -0.95 1.30
C ARG A 223 -7.44 0.45 1.74
N ILE A 224 -8.23 1.02 2.64
CA ILE A 224 -7.97 2.41 3.07
C ILE A 224 -6.65 2.43 3.84
N PRO A 225 -5.78 3.42 3.58
CA PRO A 225 -4.50 3.45 4.32
C PRO A 225 -4.60 4.01 5.75
N TRP A 226 -5.22 3.23 6.64
CA TRP A 226 -5.42 3.65 8.03
C TRP A 226 -4.19 4.14 8.74
N VAL A 227 -3.09 3.39 8.59
CA VAL A 227 -1.87 3.81 9.28
C VAL A 227 -1.49 5.21 8.79
N GLU A 228 -1.56 5.44 7.49
CA GLU A 228 -1.19 6.75 6.94
C GLU A 228 -2.14 7.82 7.50
N ILE A 229 -3.41 7.46 7.66
CA ILE A 229 -4.37 8.43 8.20
C ILE A 229 -3.98 8.77 9.65
N GLY A 230 -3.67 7.77 10.46
CA GLY A 230 -3.26 8.05 11.82
C GLY A 230 -2.06 9.02 11.88
N GLU A 231 -1.04 8.80 11.05
CA GLU A 231 0.13 9.71 11.06
C GLU A 231 -0.26 11.13 10.69
N ALA A 232 -1.11 11.28 9.68
CA ALA A 232 -1.49 12.62 9.25
C ALA A 232 -2.35 13.32 10.32
N LEU A 233 -3.17 12.57 11.06
CA LEU A 233 -4.00 13.19 12.10
C LEU A 233 -3.04 13.62 13.22
N ALA A 234 -2.00 12.83 13.44
CA ALA A 234 -1.04 13.21 14.46
C ALA A 234 -0.29 14.44 13.96
N ASP A 235 0.07 14.46 12.67
CA ASP A 235 0.79 15.62 12.15
C ASP A 235 0.01 16.91 12.32
N ILE A 236 -1.31 16.91 12.06
CA ILE A 236 -2.10 18.14 12.21
C ILE A 236 -2.64 18.33 13.61
N GLY A 237 -2.23 17.47 14.52
CA GLY A 237 -2.71 17.58 15.89
C GLY A 237 -4.22 17.41 15.99
N TYR A 238 -4.80 16.55 15.16
CA TYR A 238 -6.26 16.39 15.21
C TYR A 238 -6.81 16.05 16.58
N ASN A 239 -7.73 16.90 17.04
CA ASN A 239 -8.32 16.72 18.36
C ASN A 239 -9.70 16.11 18.38
N GLY A 240 -10.46 16.43 17.34
CA GLY A 240 -11.84 15.99 17.21
C GLY A 240 -12.20 14.52 17.32
N SER A 241 -13.30 14.19 16.69
CA SER A 241 -13.76 12.84 16.77
C SER A 241 -13.76 12.16 15.44
N VAL A 242 -13.89 10.84 15.51
CA VAL A 242 -13.86 9.99 14.32
C VAL A 242 -15.08 9.08 14.37
N VAL A 243 -15.97 9.21 13.40
CA VAL A 243 -17.19 8.42 13.36
C VAL A 243 -17.20 7.51 12.17
N MET A 244 -17.21 6.22 12.42
CA MET A 244 -17.27 5.28 11.28
C MET A 244 -18.70 5.33 10.78
N GLU A 245 -18.84 5.22 9.48
CA GLU A 245 -20.13 5.33 8.83
C GLU A 245 -20.29 4.11 7.88
N PRO A 246 -20.32 2.88 8.43
CA PRO A 246 -20.44 1.72 7.51
C PRO A 246 -21.86 1.61 6.93
N PHE A 247 -21.98 1.21 5.66
CA PHE A 247 -23.29 1.03 5.03
C PHE A 247 -23.13 -0.31 4.31
N VAL A 248 -23.71 -1.37 4.88
CA VAL A 248 -23.54 -2.69 4.28
C VAL A 248 -24.83 -3.42 3.94
N ARG A 249 -25.94 -2.69 4.02
CA ARG A 249 -27.25 -3.29 3.73
C ARG A 249 -28.08 -2.63 2.67
N MET A 250 -28.73 -3.46 1.84
CA MET A 250 -29.62 -2.97 0.78
C MET A 250 -30.96 -2.57 1.41
N GLY A 251 -31.77 -1.86 0.64
CA GLY A 251 -33.08 -1.48 1.13
C GLY A 251 -33.27 -0.08 1.69
N GLY A 252 -34.50 0.41 1.51
CA GLY A 252 -34.90 1.68 2.05
C GLY A 252 -34.23 2.88 1.42
N THR A 253 -34.56 4.05 1.96
CA THR A 253 -34.00 5.31 1.47
C THR A 253 -32.49 5.31 1.70
N VAL A 254 -32.03 4.65 2.77
CA VAL A 254 -30.60 4.56 3.07
C VAL A 254 -29.83 3.75 1.98
N GLY A 255 -30.37 2.56 1.69
CA GLY A 255 -29.80 1.69 0.68
C GLY A 255 -29.78 2.36 -0.68
N SER A 256 -30.87 3.05 -0.99
CA SER A 256 -31.03 3.75 -2.24
C SER A 256 -30.18 5.01 -2.33
N ASN A 257 -30.10 5.82 -1.27
CA ASN A 257 -29.27 7.05 -1.34
C ASN A 257 -27.79 6.72 -1.36
N ILE A 258 -27.40 5.67 -0.64
CA ILE A 258 -26.00 5.27 -0.55
C ILE A 258 -25.60 4.36 -1.70
N LYS A 259 -26.61 3.87 -2.42
CA LYS A 259 -26.49 3.00 -3.60
C LYS A 259 -25.82 1.65 -3.31
N VAL A 260 -26.41 0.93 -2.36
CA VAL A 260 -25.93 -0.39 -1.95
C VAL A 260 -26.75 -1.34 -2.79
N TRP A 261 -26.15 -1.90 -3.83
CA TRP A 261 -26.94 -2.75 -4.72
C TRP A 261 -26.68 -4.22 -4.61
N ARG A 262 -25.97 -4.62 -3.57
CA ARG A 262 -25.68 -6.03 -3.31
C ARG A 262 -25.54 -6.11 -1.79
N ASP A 263 -25.71 -7.30 -1.23
CA ASP A 263 -25.62 -7.44 0.20
C ASP A 263 -24.20 -7.52 0.66
N ILE A 264 -23.65 -6.36 0.87
CA ILE A 264 -22.29 -6.24 1.32
C ILE A 264 -22.09 -6.80 2.73
N SER A 265 -23.14 -6.83 3.54
CA SER A 265 -23.08 -7.36 4.90
C SER A 265 -22.94 -8.88 4.93
N ASN A 266 -23.14 -9.51 3.79
CA ASN A 266 -23.04 -10.97 3.68
C ASN A 266 -23.97 -11.65 4.67
N GLY A 267 -25.27 -11.35 4.60
CA GLY A 267 -26.23 -11.95 5.53
C GLY A 267 -26.08 -11.69 7.04
N ALA A 268 -25.28 -10.73 7.47
CA ALA A 268 -25.12 -10.49 8.90
C ALA A 268 -26.43 -10.19 9.65
N ASP A 269 -26.62 -10.75 10.84
CA ASP A 269 -27.82 -10.39 11.61
C ASP A 269 -27.36 -9.24 12.51
N GLU A 270 -28.25 -8.72 13.34
CA GLU A 270 -27.88 -7.62 14.20
C GLU A 270 -26.65 -7.88 15.06
N LYS A 271 -26.64 -9.04 15.73
CA LYS A 271 -25.54 -9.40 16.61
C LYS A 271 -24.20 -9.46 15.84
N MET A 272 -24.28 -9.94 14.61
CA MET A 272 -23.08 -10.02 13.77
C MET A 272 -22.63 -8.57 13.48
N LEU A 273 -23.55 -7.71 13.05
CA LEU A 273 -23.24 -6.28 12.77
C LEU A 273 -22.59 -5.65 14.01
N ASP A 274 -23.14 -5.95 15.18
CA ASP A 274 -22.58 -5.46 16.44
C ASP A 274 -21.15 -5.92 16.65
N ARG A 275 -20.88 -7.20 16.38
CA ARG A 275 -19.52 -7.68 16.60
C ARG A 275 -18.50 -7.01 15.68
N GLU A 276 -18.84 -6.86 14.41
CA GLU A 276 -17.91 -6.21 13.46
C GLU A 276 -17.65 -4.74 13.84
N ALA A 277 -18.71 -4.02 14.21
CA ALA A 277 -18.55 -2.62 14.57
C ALA A 277 -17.59 -2.56 15.76
N GLN A 278 -17.79 -3.46 16.73
CA GLN A 278 -16.87 -3.42 17.89
C GLN A 278 -15.44 -3.76 17.51
N ALA A 279 -15.27 -4.74 16.63
CA ALA A 279 -13.86 -5.04 16.27
C ALA A 279 -13.28 -3.83 15.51
N ALA A 280 -14.10 -3.21 14.67
CA ALA A 280 -13.67 -2.05 13.90
C ALA A 280 -13.37 -0.87 14.84
N LEU A 281 -14.04 -0.82 15.99
CA LEU A 281 -13.78 0.26 16.98
C LEU A 281 -12.41 -0.02 17.58
N ASP A 282 -12.22 -1.27 18.02
CA ASP A 282 -10.93 -1.66 18.59
C ASP A 282 -9.81 -1.35 17.59
N PHE A 283 -9.99 -1.77 16.35
CA PHE A 283 -9.00 -1.50 15.29
C PHE A 283 -8.73 0.00 15.17
N SER A 284 -9.78 0.82 15.02
CA SER A 284 -9.65 2.28 14.89
C SER A 284 -8.92 2.93 16.05
N ARG A 285 -9.22 2.53 17.28
CA ARG A 285 -8.50 3.08 18.44
C ARG A 285 -7.03 2.65 18.39
N TYR A 286 -6.79 1.41 18.04
CA TYR A 286 -5.41 0.93 18.02
C TYR A 286 -4.58 1.60 16.92
N VAL A 287 -5.07 1.57 15.69
CA VAL A 287 -4.33 2.11 14.56
C VAL A 287 -4.29 3.63 14.37
N LEU A 288 -5.39 4.32 14.65
CA LEU A 288 -5.47 5.74 14.41
C LEU A 288 -4.87 6.73 15.42
N GLU A 289 -4.59 6.28 16.64
CA GLU A 289 -4.08 7.18 17.67
C GLU A 289 -2.56 7.14 17.82
N CYS A 290 -1.96 8.33 17.99
CA CYS A 290 -0.50 8.59 18.10
C CYS A 290 0.14 8.83 16.72
N MET B 2 -8.61 -20.35 13.12
CA MET B 2 -7.16 -19.90 13.12
C MET B 2 -6.59 -19.69 14.52
N LYS B 3 -5.49 -20.36 14.85
CA LYS B 3 -4.90 -20.20 16.18
C LYS B 3 -3.79 -19.14 16.22
N HIS B 4 -3.81 -18.28 17.25
CA HIS B 4 -2.84 -17.22 17.44
C HIS B 4 -1.96 -17.39 18.65
N GLY B 5 -0.67 -17.18 18.44
CA GLY B 5 0.28 -17.27 19.52
C GLY B 5 1.29 -16.16 19.54
N ILE B 6 2.20 -16.21 20.52
CA ILE B 6 3.27 -15.24 20.64
C ILE B 6 4.49 -16.00 21.20
N TYR B 7 5.67 -15.59 20.79
CA TYR B 7 6.93 -16.20 21.18
C TYR B 7 7.29 -15.63 22.53
N TYR B 8 7.62 -16.51 23.48
CA TYR B 8 7.94 -16.07 24.85
C TYR B 8 9.09 -15.03 24.87
N ALA B 9 10.02 -15.11 23.90
CA ALA B 9 11.17 -14.18 23.83
C ALA B 9 10.87 -12.67 23.77
N TYR B 10 9.63 -12.33 23.43
CA TYR B 10 9.23 -10.90 23.40
C TYR B 10 9.45 -10.25 24.79
N TRP B 11 9.42 -11.04 25.85
CA TRP B 11 9.59 -10.58 27.24
C TRP B 11 10.95 -10.94 27.84
N GLU B 12 11.72 -11.78 27.16
CA GLU B 12 12.99 -12.29 27.67
C GLU B 12 14.22 -12.02 26.79
N GLN B 13 15.40 -11.94 27.39
CA GLN B 13 16.63 -11.71 26.61
C GLN B 13 17.53 -12.94 26.37
N GLU B 14 17.02 -14.14 26.69
CA GLU B 14 17.82 -15.34 26.48
C GLU B 14 16.96 -16.46 25.91
N TRP B 15 17.59 -17.43 25.24
CA TRP B 15 16.83 -18.52 24.62
C TRP B 15 16.27 -19.63 25.54
N GLU B 16 15.76 -19.20 26.68
CA GLU B 16 15.12 -20.08 27.63
C GLU B 16 14.51 -19.15 28.66
N ALA B 17 13.58 -19.68 29.43
CA ALA B 17 12.94 -18.93 30.50
C ALA B 17 11.97 -19.86 31.20
N ASP B 18 11.31 -19.32 32.22
CA ASP B 18 10.30 -20.12 32.90
C ASP B 18 9.03 -20.15 32.06
N TYR B 19 8.93 -21.12 31.17
CA TYR B 19 7.77 -21.22 30.30
C TYR B 19 6.42 -21.30 31.02
N LYS B 20 6.40 -21.80 32.26
CA LYS B 20 5.12 -21.91 32.97
C LYS B 20 4.53 -20.52 33.22
N TYR B 21 5.38 -19.61 33.62
CA TYR B 21 5.01 -18.22 33.84
C TYR B 21 4.35 -17.70 32.57
N TYR B 22 5.04 -17.84 31.43
CA TYR B 22 4.47 -17.36 30.17
C TYR B 22 3.18 -18.06 29.71
N ILE B 23 3.00 -19.35 30.04
CA ILE B 23 1.77 -20.02 29.66
C ILE B 23 0.61 -19.30 30.35
N GLU B 24 0.84 -18.97 31.61
CA GLU B 24 -0.15 -18.29 32.44
C GLU B 24 -0.43 -16.87 31.94
N LYS B 25 0.64 -16.12 31.65
CA LYS B 25 0.45 -14.75 31.18
C LYS B 25 -0.36 -14.70 29.90
N VAL B 26 0.08 -15.51 28.95
CA VAL B 26 -0.49 -15.57 27.64
C VAL B 26 -1.91 -16.11 27.64
N ALA B 27 -2.21 -17.06 28.51
CA ALA B 27 -3.60 -17.55 28.55
C ALA B 27 -4.42 -16.36 29.05
N LYS B 28 -3.88 -15.62 30.02
CA LYS B 28 -4.62 -14.47 30.55
C LYS B 28 -4.83 -13.34 29.50
N LEU B 29 -3.87 -13.14 28.58
CA LEU B 29 -3.99 -12.10 27.54
C LEU B 29 -4.90 -12.54 26.41
N GLY B 30 -5.23 -13.83 26.39
CA GLY B 30 -6.11 -14.34 25.38
C GLY B 30 -5.50 -15.15 24.22
N PHE B 31 -4.20 -15.42 24.25
CA PHE B 31 -3.59 -16.17 23.13
C PHE B 31 -4.00 -17.65 23.14
N ASP B 32 -3.91 -18.30 22.00
CA ASP B 32 -4.21 -19.72 21.91
C ASP B 32 -2.91 -20.51 22.08
N ILE B 33 -1.82 -19.87 21.68
CA ILE B 33 -0.53 -20.54 21.67
C ILE B 33 0.56 -19.78 22.31
N LEU B 34 1.52 -20.51 22.89
CA LEU B 34 2.71 -19.89 23.41
C LEU B 34 3.79 -20.62 22.64
N GLU B 35 4.70 -19.87 22.00
CA GLU B 35 5.80 -20.52 21.29
C GLU B 35 7.03 -20.42 22.22
N ILE B 36 7.76 -21.51 22.36
CA ILE B 36 8.92 -21.50 23.24
C ILE B 36 10.18 -21.92 22.49
N ALA B 37 11.33 -21.49 23.01
CA ALA B 37 12.62 -21.84 22.41
C ALA B 37 12.97 -23.29 22.77
N ALA B 38 13.51 -24.03 21.81
CA ALA B 38 13.84 -25.44 22.06
C ALA B 38 15.10 -25.59 22.91
N SER B 39 15.98 -24.60 22.90
CA SER B 39 17.24 -24.71 23.63
C SER B 39 17.29 -25.50 24.95
N PRO B 40 16.38 -25.22 25.90
CA PRO B 40 16.45 -25.96 27.16
C PRO B 40 15.78 -27.33 27.17
N LEU B 41 14.89 -27.56 26.23
CA LEU B 41 14.19 -28.82 26.26
C LEU B 41 15.02 -30.11 26.30
N PRO B 42 16.21 -30.14 25.65
CA PRO B 42 16.99 -31.38 25.72
C PRO B 42 17.34 -31.86 27.13
N PHE B 43 17.57 -30.88 28.00
CA PHE B 43 17.98 -31.10 29.38
C PHE B 43 16.88 -31.20 30.42
N TYR B 44 15.63 -31.20 29.96
CA TYR B 44 14.49 -31.30 30.85
C TYR B 44 14.37 -32.69 31.39
N SER B 45 14.28 -32.79 32.72
CA SER B 45 14.08 -34.08 33.38
C SER B 45 12.76 -34.53 32.78
N ASP B 46 12.34 -35.75 33.03
CA ASP B 46 11.08 -36.21 32.48
C ASP B 46 9.93 -35.67 33.31
N ILE B 47 10.23 -35.17 34.52
CA ILE B 47 9.17 -34.59 35.37
C ILE B 47 8.90 -33.17 34.86
N GLN B 48 9.97 -32.42 34.57
CA GLN B 48 9.85 -31.06 34.04
C GLN B 48 8.97 -31.05 32.77
N ILE B 49 9.11 -32.11 31.96
CA ILE B 49 8.35 -32.23 30.74
C ILE B 49 6.89 -32.43 31.02
N ASN B 50 6.55 -33.29 31.96
CA ASN B 50 5.12 -33.46 32.24
C ASN B 50 4.55 -32.26 32.97
N GLU B 51 5.38 -31.53 33.72
CA GLU B 51 4.92 -30.33 34.42
C GLU B 51 4.54 -29.25 33.39
N LEU B 52 5.47 -28.95 32.48
CA LEU B 52 5.25 -27.97 31.41
C LEU B 52 4.00 -28.40 30.61
N LYS B 53 3.95 -29.67 30.23
CA LYS B 53 2.82 -30.21 29.51
C LYS B 53 1.50 -30.08 30.29
N ALA B 54 1.56 -30.32 31.59
CA ALA B 54 0.37 -30.22 32.43
C ALA B 54 -0.04 -28.77 32.50
N CYS B 55 0.91 -27.88 32.72
CA CYS B 55 0.60 -26.47 32.76
C CYS B 55 -0.15 -26.05 31.48
N ALA B 56 0.42 -26.38 30.32
CA ALA B 56 -0.22 -26.00 29.08
C ALA B 56 -1.67 -26.46 28.99
N HIS B 57 -1.90 -27.76 29.21
CA HIS B 57 -3.26 -28.30 29.15
C HIS B 57 -4.17 -27.60 30.18
N GLY B 58 -3.60 -27.32 31.34
CA GLY B 58 -4.36 -26.69 32.39
C GLY B 58 -4.88 -25.32 31.99
N ASN B 59 -3.99 -24.55 31.36
CA ASN B 59 -4.31 -23.21 30.91
C ASN B 59 -4.94 -23.10 29.54
N GLY B 60 -5.22 -24.22 28.91
CA GLY B 60 -5.84 -24.20 27.60
C GLY B 60 -4.91 -23.64 26.52
N ILE B 61 -3.61 -23.69 26.76
CA ILE B 61 -2.63 -23.17 25.80
C ILE B 61 -1.94 -24.29 24.98
N THR B 62 -1.82 -24.09 23.66
CA THR B 62 -1.11 -25.05 22.79
C THR B 62 0.32 -24.54 22.70
N LEU B 63 1.30 -25.44 22.76
CA LEU B 63 2.70 -25.02 22.65
C LEU B 63 3.33 -25.40 21.30
N THR B 64 4.09 -24.47 20.75
CA THR B 64 4.81 -24.72 19.51
C THR B 64 6.26 -24.39 19.88
N VAL B 65 7.20 -24.83 19.08
CA VAL B 65 8.58 -24.59 19.36
C VAL B 65 9.31 -23.94 18.16
N GLY B 66 10.26 -23.08 18.48
CA GLY B 66 11.06 -22.42 17.48
C GLY B 66 12.48 -22.77 17.92
N HIS B 67 13.44 -22.72 17.00
CA HIS B 67 14.82 -23.07 17.35
C HIS B 67 15.81 -22.51 16.34
N GLY B 68 16.80 -21.75 16.83
CA GLY B 68 17.86 -21.22 15.98
C GLY B 68 18.95 -22.25 16.29
N PRO B 69 19.30 -23.16 15.36
CA PRO B 69 20.32 -24.15 15.71
C PRO B 69 21.71 -23.61 15.85
N SER B 70 22.51 -24.27 16.68
CA SER B 70 23.93 -23.91 16.86
C SER B 70 24.76 -24.60 15.72
N ALA B 71 26.00 -24.14 15.52
CA ALA B 71 26.87 -24.72 14.49
C ALA B 71 27.03 -26.24 14.61
N GLU B 72 27.03 -26.76 15.84
CA GLU B 72 27.19 -28.19 16.07
C GLU B 72 25.97 -28.95 15.68
N GLN B 73 24.84 -28.25 15.51
CA GLN B 73 23.60 -28.93 15.13
C GLN B 73 23.30 -28.69 13.65
N ASN B 74 24.30 -28.23 12.91
CA ASN B 74 24.10 -27.91 11.48
C ASN B 74 23.96 -29.12 10.56
N LEU B 75 22.74 -29.46 10.18
CA LEU B 75 22.48 -30.59 9.29
C LEU B 75 23.05 -30.43 7.88
N SER B 76 23.47 -29.22 7.53
CA SER B 76 24.01 -28.98 6.22
C SER B 76 25.54 -29.04 6.17
N SER B 77 26.16 -29.15 7.34
CA SER B 77 27.63 -29.15 7.44
C SER B 77 28.37 -30.22 6.62
N PRO B 78 29.50 -29.84 6.02
CA PRO B 78 30.28 -30.80 5.22
C PRO B 78 30.96 -31.80 6.17
N ASP B 79 31.27 -31.36 7.38
CA ASP B 79 31.89 -32.20 8.40
C ASP B 79 30.92 -33.27 8.89
N PRO B 80 31.19 -34.55 8.59
CA PRO B 80 30.30 -35.64 9.01
C PRO B 80 30.03 -35.82 10.50
N ASP B 81 30.96 -35.44 11.36
CA ASP B 81 30.70 -35.58 12.80
C ASP B 81 29.65 -34.56 13.23
N ILE B 82 29.71 -33.37 12.64
CA ILE B 82 28.73 -32.37 12.96
C ILE B 82 27.36 -32.84 12.49
N ARG B 83 27.26 -33.33 11.26
CA ARG B 83 25.98 -33.82 10.76
C ARG B 83 25.43 -34.94 11.62
N LYS B 84 26.33 -35.80 12.13
CA LYS B 84 25.94 -36.91 12.99
C LYS B 84 25.38 -36.35 14.28
N ASN B 85 26.10 -35.42 14.89
CA ASN B 85 25.61 -34.82 16.14
C ASN B 85 24.26 -34.16 15.84
N ALA B 86 24.21 -33.33 14.80
CA ALA B 86 22.99 -32.63 14.42
C ALA B 86 21.82 -33.60 14.41
N LYS B 87 21.99 -34.73 13.72
CA LYS B 87 20.92 -35.71 13.65
C LYS B 87 20.56 -36.33 14.99
N ALA B 88 21.54 -36.50 15.85
CA ALA B 88 21.30 -37.09 17.16
C ALA B 88 20.56 -36.03 18.00
N PHE B 89 20.97 -34.77 17.83
CA PHE B 89 20.31 -33.68 18.51
C PHE B 89 18.82 -33.68 18.20
N TYR B 90 18.48 -33.62 16.91
CA TYR B 90 17.09 -33.58 16.50
C TYR B 90 16.25 -34.80 16.83
N THR B 91 16.84 -36.00 16.79
CA THR B 91 16.03 -37.18 17.09
C THR B 91 15.66 -37.14 18.56
N ASP B 92 16.61 -36.75 19.43
CA ASP B 92 16.33 -36.63 20.85
C ASP B 92 15.30 -35.52 21.10
N LEU B 93 15.51 -34.34 20.48
CA LEU B 93 14.58 -33.21 20.61
C LEU B 93 13.18 -33.59 20.15
N LEU B 94 13.07 -34.30 19.04
CA LEU B 94 11.77 -34.70 18.53
C LEU B 94 11.03 -35.70 19.40
N LYS B 95 11.77 -36.57 20.10
CA LYS B 95 11.09 -37.57 20.95
C LYS B 95 10.52 -36.83 22.17
N ARG B 96 11.25 -35.81 22.61
CA ARG B 96 10.84 -35.01 23.75
C ARG B 96 9.60 -34.20 23.45
N LEU B 97 9.51 -33.74 22.21
CA LEU B 97 8.41 -32.94 21.76
C LEU B 97 7.18 -33.83 21.76
N TYR B 98 7.38 -35.12 21.44
CA TYR B 98 6.27 -36.05 21.43
C TYR B 98 5.75 -36.18 22.86
N LYS B 99 6.67 -36.24 23.81
CA LYS B 99 6.29 -36.36 25.23
C LYS B 99 5.58 -35.09 25.74
N LEU B 100 6.04 -33.94 25.24
CA LEU B 100 5.50 -32.63 25.61
C LEU B 100 4.19 -32.32 24.89
N ASP B 101 3.82 -33.19 23.96
CA ASP B 101 2.61 -33.06 23.15
C ASP B 101 2.62 -31.84 22.23
N VAL B 102 3.80 -31.51 21.67
CA VAL B 102 3.86 -30.40 20.73
C VAL B 102 4.04 -31.01 19.34
N HIS B 103 3.26 -30.51 18.40
CA HIS B 103 3.25 -31.03 17.07
C HIS B 103 3.92 -30.16 16.02
N LEU B 104 4.65 -29.14 16.46
CA LEU B 104 5.27 -28.26 15.48
C LEU B 104 6.56 -27.66 15.96
N ILE B 105 7.57 -27.68 15.08
CA ILE B 105 8.85 -27.05 15.39
C ILE B 105 9.25 -26.28 14.13
N GLY B 106 9.85 -25.12 14.28
CA GLY B 106 10.24 -24.36 13.11
C GLY B 106 11.43 -23.47 13.35
N GLY B 107 12.06 -23.07 12.26
CA GLY B 107 13.23 -22.22 12.33
C GLY B 107 14.13 -22.59 11.16
N ALA B 108 15.40 -22.17 11.21
CA ALA B 108 16.34 -22.50 10.14
C ALA B 108 16.85 -23.91 10.46
N LEU B 109 15.93 -24.88 10.51
CA LEU B 109 16.29 -26.25 10.88
C LEU B 109 17.14 -27.01 9.83
N TYR B 110 17.28 -26.44 8.65
CA TYR B 110 18.06 -27.06 7.59
C TYR B 110 19.44 -26.51 7.64
N SER B 111 19.74 -25.74 8.68
CA SER B 111 21.02 -25.05 8.74
C SER B 111 21.34 -24.76 10.19
N TYR B 112 21.89 -23.58 10.45
CA TYR B 112 22.13 -23.17 11.82
C TYR B 112 21.88 -21.67 11.83
N TRP B 113 21.67 -21.11 13.01
CA TRP B 113 21.33 -19.68 13.15
C TRP B 113 21.82 -19.02 14.44
N PRO B 114 22.39 -17.80 14.35
CA PRO B 114 22.61 -17.00 13.13
C PRO B 114 23.82 -17.53 12.33
N ILE B 115 23.96 -17.10 11.07
CA ILE B 115 25.05 -17.60 10.25
C ILE B 115 26.31 -16.80 10.50
N ASP B 116 27.42 -17.53 10.65
CA ASP B 116 28.72 -16.90 10.84
C ASP B 116 29.17 -16.68 9.39
N TYR B 117 29.10 -15.45 8.91
CA TYR B 117 29.49 -15.17 7.54
C TYR B 117 31.00 -15.04 7.28
N THR B 118 31.82 -15.28 8.30
CA THR B 118 33.26 -15.21 8.12
C THR B 118 33.78 -16.57 7.73
N LYS B 119 32.85 -17.54 7.62
CA LYS B 119 33.17 -18.89 7.16
C LYS B 119 32.84 -18.83 5.66
N THR B 120 33.49 -19.66 4.85
CA THR B 120 33.21 -19.62 3.41
C THR B 120 31.84 -20.21 3.15
N ILE B 121 31.14 -19.65 2.17
CA ILE B 121 29.81 -20.13 1.85
C ILE B 121 29.81 -21.07 0.65
N ASP B 122 29.31 -22.30 0.84
CA ASP B 122 29.18 -23.29 -0.21
C ASP B 122 27.68 -23.66 -0.32
N LYS B 123 26.91 -22.74 -0.89
CA LYS B 123 25.47 -22.92 -1.00
C LYS B 123 24.99 -24.21 -1.64
N LYS B 124 25.46 -24.49 -2.84
CA LYS B 124 25.04 -25.69 -3.52
C LYS B 124 25.40 -26.94 -2.74
N GLY B 125 26.62 -26.99 -2.23
CA GLY B 125 27.03 -28.16 -1.46
C GLY B 125 26.20 -28.29 -0.18
N ASP B 126 25.99 -27.16 0.50
CA ASP B 126 25.23 -27.16 1.75
C ASP B 126 23.82 -27.51 1.48
N TRP B 127 23.29 -27.02 0.36
CA TRP B 127 21.95 -27.32 -0.03
C TRP B 127 21.72 -28.80 -0.23
N GLU B 128 22.57 -29.48 -1.01
CA GLU B 128 22.36 -30.91 -1.26
C GLU B 128 22.44 -31.72 0.01
N ARG B 129 23.44 -31.45 0.82
CA ARG B 129 23.60 -32.14 2.10
C ARG B 129 22.37 -31.96 2.99
N SER B 130 22.00 -30.70 3.22
CA SER B 130 20.84 -30.39 4.07
C SER B 130 19.60 -31.13 3.63
N VAL B 131 19.30 -31.12 2.34
CA VAL B 131 18.10 -31.81 1.86
C VAL B 131 18.13 -33.28 2.25
N GLU B 132 19.29 -33.91 2.10
CA GLU B 132 19.43 -35.32 2.42
C GLU B 132 19.30 -35.53 3.93
N SER B 133 19.95 -34.69 4.72
CA SER B 133 19.88 -34.71 6.19
C SER B 133 18.45 -34.50 6.69
N VAL B 134 17.79 -33.45 6.20
CA VAL B 134 16.43 -33.16 6.64
C VAL B 134 15.50 -34.31 6.27
N ARG B 135 15.74 -34.96 5.13
CA ARG B 135 14.87 -36.09 4.77
C ARG B 135 14.95 -37.24 5.82
N GLU B 136 16.15 -37.47 6.37
CA GLU B 136 16.31 -38.51 7.38
C GLU B 136 15.55 -38.13 8.63
N VAL B 137 15.79 -36.90 9.10
CA VAL B 137 15.13 -36.39 10.28
C VAL B 137 13.60 -36.44 10.12
N ALA B 138 13.12 -36.17 8.90
CA ALA B 138 11.69 -36.22 8.64
C ALA B 138 11.06 -37.52 9.11
N LYS B 139 11.78 -38.62 8.92
CA LYS B 139 11.24 -39.92 9.32
C LYS B 139 10.94 -39.91 10.83
N VAL B 140 11.88 -39.39 11.62
CA VAL B 140 11.68 -39.32 13.06
C VAL B 140 10.59 -38.31 13.42
N ALA B 141 10.58 -37.18 12.70
CA ALA B 141 9.56 -36.17 12.95
C ALA B 141 8.19 -36.81 12.73
N GLU B 142 8.10 -37.66 11.72
CA GLU B 142 6.85 -38.32 11.42
C GLU B 142 6.46 -39.28 12.54
N ALA B 143 7.42 -40.03 13.06
CA ALA B 143 7.13 -40.99 14.14
C ALA B 143 6.62 -40.27 15.39
N CYS B 144 7.16 -39.09 15.63
CA CYS B 144 6.78 -38.30 16.77
C CYS B 144 5.56 -37.39 16.58
N GLY B 145 4.93 -37.39 15.42
CA GLY B 145 3.78 -36.53 15.18
C GLY B 145 4.13 -35.03 15.14
N VAL B 146 5.29 -34.72 14.58
CA VAL B 146 5.78 -33.35 14.51
C VAL B 146 6.01 -32.77 13.10
N ASP B 147 5.45 -31.59 12.84
CA ASP B 147 5.67 -30.90 11.56
C ASP B 147 7.04 -30.19 11.68
N PHE B 148 7.97 -30.51 10.78
CA PHE B 148 9.33 -29.95 10.79
C PHE B 148 9.26 -28.80 9.75
N CYS B 149 9.14 -27.57 10.26
CA CYS B 149 8.93 -26.38 9.42
C CYS B 149 10.19 -25.62 9.12
N LEU B 150 10.53 -25.47 7.83
CA LEU B 150 11.78 -24.77 7.47
C LEU B 150 11.45 -23.31 7.17
N GLU B 151 11.96 -22.44 8.02
CA GLU B 151 11.67 -21.02 7.88
C GLU B 151 12.53 -20.29 6.86
N VAL B 152 11.87 -19.50 6.01
CA VAL B 152 12.56 -18.73 4.97
C VAL B 152 13.04 -17.47 5.65
N LEU B 153 14.34 -17.17 5.55
CA LEU B 153 14.93 -16.02 6.25
C LEU B 153 15.60 -14.98 5.34
N ASN B 154 15.80 -13.74 5.82
CA ASN B 154 16.43 -12.75 4.97
C ASN B 154 17.90 -13.07 4.78
N ARG B 155 18.47 -12.51 3.73
CA ARG B 155 19.86 -12.74 3.34
C ARG B 155 20.91 -12.59 4.43
N PHE B 156 20.63 -11.72 5.40
CA PHE B 156 21.57 -11.45 6.48
C PHE B 156 21.56 -12.52 7.53
N GLU B 157 20.56 -13.38 7.55
CA GLU B 157 20.52 -14.38 8.59
C GLU B 157 20.71 -15.79 8.10
N ASN B 158 20.66 -15.99 6.79
CA ASN B 158 20.81 -17.30 6.19
C ASN B 158 21.05 -17.10 4.68
N TYR B 159 21.72 -18.05 4.06
CA TYR B 159 22.00 -17.92 2.63
C TYR B 159 21.34 -19.01 1.80
N LEU B 160 20.86 -20.07 2.45
CA LEU B 160 20.24 -21.16 1.71
C LEU B 160 18.83 -20.96 1.17
N ILE B 161 17.97 -20.33 1.97
CA ILE B 161 16.57 -20.15 1.61
C ILE B 161 16.11 -18.74 2.00
N ASN B 162 15.98 -17.88 1.00
CA ASN B 162 15.63 -16.49 1.23
C ASN B 162 14.27 -16.12 0.66
N THR B 163 13.66 -16.98 -0.14
CA THR B 163 12.36 -16.62 -0.68
C THR B 163 11.40 -17.79 -0.58
N ALA B 164 10.11 -17.50 -0.65
CA ALA B 164 9.10 -18.57 -0.55
C ALA B 164 9.35 -19.62 -1.67
N GLN B 165 9.72 -19.15 -2.86
CA GLN B 165 9.98 -20.08 -3.95
C GLN B 165 11.16 -21.00 -3.63
N GLU B 166 12.21 -20.47 -3.02
CA GLU B 166 13.37 -21.30 -2.66
C GLU B 166 12.98 -22.31 -1.59
N GLY B 167 12.15 -21.87 -0.63
CA GLY B 167 11.68 -22.75 0.45
C GLY B 167 10.85 -23.91 -0.10
N VAL B 168 9.98 -23.63 -1.05
CA VAL B 168 9.13 -24.66 -1.69
C VAL B 168 9.97 -25.63 -2.52
N ASP B 169 10.96 -25.09 -3.24
CA ASP B 169 11.85 -25.92 -4.06
C ASP B 169 12.58 -26.87 -3.10
N PHE B 170 13.06 -26.35 -1.97
CA PHE B 170 13.74 -27.19 -0.97
C PHE B 170 12.78 -28.24 -0.40
N VAL B 171 11.60 -27.82 0.05
CA VAL B 171 10.66 -28.76 0.63
C VAL B 171 10.21 -29.86 -0.33
N LYS B 172 9.87 -29.51 -1.57
CA LYS B 172 9.48 -30.49 -2.58
C LYS B 172 10.65 -31.44 -2.87
N GLN B 173 11.88 -30.92 -2.84
CA GLN B 173 13.05 -31.75 -3.05
C GLN B 173 13.15 -32.75 -1.88
N VAL B 174 12.91 -32.29 -0.65
CA VAL B 174 12.94 -33.17 0.54
C VAL B 174 11.91 -34.26 0.34
N ASP B 175 10.78 -33.86 -0.23
CA ASP B 175 9.70 -34.75 -0.56
C ASP B 175 9.23 -35.65 0.58
N HIS B 176 8.78 -35.06 1.68
CA HIS B 176 8.27 -35.83 2.80
C HIS B 176 7.16 -35.00 3.46
N ASN B 177 6.03 -35.66 3.74
CA ASN B 177 4.87 -34.99 4.31
C ASN B 177 5.01 -34.17 5.61
N ASN B 178 5.95 -34.52 6.48
CA ASN B 178 6.12 -33.78 7.73
C ASN B 178 7.09 -32.59 7.62
N VAL B 179 7.59 -32.32 6.41
CA VAL B 179 8.51 -31.19 6.23
C VAL B 179 7.73 -30.10 5.52
N LYS B 180 7.65 -28.94 6.16
CA LYS B 180 6.87 -27.83 5.66
C LYS B 180 7.68 -26.55 5.43
N VAL B 181 7.14 -25.65 4.61
CA VAL B 181 7.76 -24.35 4.41
C VAL B 181 7.20 -23.46 5.54
N MET B 182 7.97 -22.46 5.96
CA MET B 182 7.50 -21.54 7.00
C MET B 182 7.85 -20.12 6.58
N LEU B 183 6.91 -19.19 6.73
CA LEU B 183 7.20 -17.80 6.34
C LEU B 183 7.13 -16.90 7.55
N ASP B 184 7.75 -15.73 7.43
CA ASP B 184 7.81 -14.76 8.50
C ASP B 184 7.72 -13.39 7.86
N THR B 185 6.75 -12.60 8.28
CA THR B 185 6.49 -11.29 7.69
C THR B 185 7.69 -10.38 7.70
N PHE B 186 8.52 -10.49 8.72
CA PHE B 186 9.71 -9.66 8.85
C PHE B 186 10.71 -10.03 7.73
N HIS B 187 10.85 -11.34 7.51
CA HIS B 187 11.75 -11.85 6.47
C HIS B 187 11.23 -11.63 5.08
N MET B 188 9.94 -11.88 4.88
CA MET B 188 9.31 -11.61 3.59
C MET B 188 9.43 -10.13 3.15
N ASN B 189 9.30 -9.23 4.12
CA ASN B 189 9.35 -7.78 3.88
C ASN B 189 10.67 -7.37 3.18
N ILE B 190 11.72 -8.15 3.40
CA ILE B 190 13.02 -7.84 2.80
C ILE B 190 13.18 -8.52 1.43
N GLU B 191 12.97 -9.82 1.38
CA GLU B 191 13.25 -10.56 0.17
C GLU B 191 12.27 -10.69 -0.96
N GLU B 192 10.98 -10.66 -0.66
CA GLU B 192 9.95 -10.85 -1.66
C GLU B 192 9.55 -9.73 -2.61
N ASP B 193 9.19 -10.15 -3.80
CA ASP B 193 8.66 -9.20 -4.77
C ASP B 193 7.23 -8.88 -4.29
N SER B 194 6.52 -9.92 -3.87
CA SER B 194 5.13 -9.80 -3.43
C SER B 194 4.85 -10.61 -2.15
N ILE B 195 4.19 -10.00 -1.16
CA ILE B 195 3.84 -10.66 0.10
C ILE B 195 2.79 -11.69 -0.16
N GLY B 196 1.66 -11.21 -0.70
CA GLY B 196 0.57 -12.13 -1.06
C GLY B 196 1.03 -13.22 -2.03
N GLY B 197 1.91 -12.81 -2.96
CA GLY B 197 2.46 -13.76 -3.93
C GLY B 197 3.30 -14.86 -3.27
N ALA B 198 4.11 -14.47 -2.27
CA ALA B 198 4.97 -15.41 -1.53
C ALA B 198 4.08 -16.42 -0.80
N ILE B 199 3.03 -15.91 -0.15
CA ILE B 199 2.11 -16.80 0.56
C ILE B 199 1.43 -17.75 -0.42
N ARG B 200 0.98 -17.25 -1.56
CA ARG B 200 0.33 -18.15 -2.49
C ARG B 200 1.33 -19.17 -3.09
N THR B 201 2.60 -18.78 -3.24
CA THR B 201 3.62 -19.70 -3.76
C THR B 201 3.80 -20.84 -2.73
N ALA B 202 3.89 -20.49 -1.45
CA ALA B 202 4.05 -21.53 -0.42
C ALA B 202 2.83 -22.47 -0.49
N GLY B 203 1.63 -21.88 -0.55
CA GLY B 203 0.39 -22.65 -0.65
C GLY B 203 0.22 -23.79 0.36
N SER B 204 0.01 -25.01 -0.12
CA SER B 204 -0.20 -26.18 0.77
C SER B 204 1.01 -26.49 1.64
N TYR B 205 2.19 -26.10 1.18
CA TYR B 205 3.40 -26.35 1.95
C TYR B 205 3.56 -25.47 3.20
N LEU B 206 2.85 -24.34 3.26
CA LEU B 206 2.94 -23.44 4.43
C LEU B 206 2.42 -24.16 5.67
N GLY B 207 3.27 -24.34 6.67
CA GLY B 207 2.86 -25.02 7.89
C GLY B 207 2.97 -24.16 9.14
N HIS B 208 3.45 -22.93 9.01
CA HIS B 208 3.58 -22.09 10.18
C HIS B 208 3.90 -20.70 9.68
N LEU B 209 3.50 -19.70 10.46
CA LEU B 209 3.72 -18.31 10.06
C LEU B 209 4.05 -17.42 11.24
N HIS B 210 5.12 -16.67 11.09
CA HIS B 210 5.59 -15.71 12.08
C HIS B 210 5.18 -14.29 11.67
N THR B 211 4.86 -13.45 12.64
CA THR B 211 4.45 -12.09 12.31
C THR B 211 5.21 -11.06 13.15
N GLY B 212 5.32 -9.87 12.56
CA GLY B 212 6.05 -8.80 13.22
C GLY B 212 6.04 -7.70 12.21
N GLU B 213 6.19 -6.44 12.64
CA GLU B 213 6.24 -5.32 11.72
C GLU B 213 7.62 -5.30 11.03
N CYS B 214 7.81 -4.36 10.10
CA CYS B 214 9.04 -4.31 9.36
C CYS B 214 10.20 -4.31 10.26
N ASN B 215 10.07 -3.61 11.40
CA ASN B 215 11.19 -3.57 12.34
C ASN B 215 10.99 -4.40 13.61
N ARG B 216 10.15 -5.41 13.52
CA ARG B 216 9.90 -6.36 14.63
C ARG B 216 9.03 -5.91 15.80
N LYS B 217 8.35 -4.79 15.63
CA LYS B 217 7.39 -4.32 16.67
C LYS B 217 6.18 -5.26 16.52
N VAL B 218 5.25 -5.24 17.48
CA VAL B 218 4.06 -6.09 17.37
C VAL B 218 3.26 -5.62 16.17
N PRO B 219 2.48 -6.51 15.57
CA PRO B 219 1.65 -6.24 14.42
C PRO B 219 0.64 -5.14 14.60
N GLY B 220 0.55 -4.30 13.57
CA GLY B 220 -0.45 -3.28 13.56
C GLY B 220 -0.24 -1.85 13.19
N ARG B 221 0.80 -1.21 13.70
CA ARG B 221 0.92 0.20 13.37
C ARG B 221 2.07 0.47 12.40
N GLY B 222 2.59 -0.61 11.83
CA GLY B 222 3.72 -0.51 10.93
C GLY B 222 3.34 -0.51 9.49
N ARG B 223 4.26 -0.95 8.62
CA ARG B 223 4.01 -0.93 7.16
C ARG B 223 3.70 -2.29 6.56
N ILE B 224 3.76 -3.36 7.34
CA ILE B 224 3.41 -4.68 6.79
C ILE B 224 1.98 -4.66 6.20
N PRO B 225 1.77 -5.26 5.01
CA PRO B 225 0.43 -5.24 4.45
C PRO B 225 -0.43 -6.37 5.06
N TRP B 226 -0.93 -6.14 6.28
CA TRP B 226 -1.73 -7.17 6.96
C TRP B 226 -2.94 -7.67 6.22
N VAL B 227 -3.70 -6.77 5.58
CA VAL B 227 -4.90 -7.19 4.87
C VAL B 227 -4.52 -8.11 3.70
N GLU B 228 -3.46 -7.72 2.99
CA GLU B 228 -3.02 -8.56 1.85
C GLU B 228 -2.60 -9.96 2.38
N ILE B 229 -1.98 -10.01 3.56
CA ILE B 229 -1.57 -11.30 4.15
C ILE B 229 -2.83 -12.10 4.44
N GLY B 230 -3.79 -11.44 5.10
CA GLY B 230 -5.04 -12.11 5.41
C GLY B 230 -5.72 -12.64 4.18
N GLU B 231 -5.76 -11.85 3.11
CA GLU B 231 -6.42 -12.27 1.85
C GLU B 231 -5.69 -13.49 1.22
N ALA B 232 -4.35 -13.51 1.31
CA ALA B 232 -3.61 -14.63 0.75
C ALA B 232 -3.75 -15.91 1.62
N LEU B 233 -3.94 -15.73 2.92
CA LEU B 233 -4.10 -16.90 3.77
C LEU B 233 -5.42 -17.55 3.44
N ALA B 234 -6.42 -16.72 3.15
CA ALA B 234 -7.75 -17.16 2.72
C ALA B 234 -7.59 -17.82 1.35
N ASP B 235 -6.87 -17.17 0.41
CA ASP B 235 -6.64 -17.79 -0.92
C ASP B 235 -6.11 -19.21 -0.84
N ILE B 236 -5.08 -19.42 -0.04
CA ILE B 236 -4.52 -20.76 -0.01
C ILE B 236 -5.29 -21.72 0.89
N GLY B 237 -6.16 -21.18 1.73
CA GLY B 237 -6.92 -22.01 2.64
C GLY B 237 -6.04 -22.48 3.81
N TYR B 238 -5.21 -21.56 4.33
CA TYR B 238 -4.28 -21.90 5.42
C TYR B 238 -4.93 -22.51 6.65
N ASN B 239 -4.43 -23.68 7.03
CA ASN B 239 -5.00 -24.39 8.19
C ASN B 239 -3.99 -24.48 9.32
N GLY B 240 -3.13 -23.47 9.46
CA GLY B 240 -2.13 -23.49 10.50
C GLY B 240 -2.29 -22.36 11.50
N SER B 241 -1.21 -22.10 12.21
CA SER B 241 -1.27 -21.08 13.20
C SER B 241 -0.43 -19.87 12.84
N VAL B 242 -0.63 -18.80 13.60
CA VAL B 242 0.03 -17.51 13.42
C VAL B 242 0.56 -17.08 14.75
N VAL B 243 1.87 -16.93 14.82
CA VAL B 243 2.60 -16.59 16.03
C VAL B 243 3.35 -15.28 15.82
N MET B 244 3.04 -14.25 16.60
CA MET B 244 3.80 -13.01 16.46
C MET B 244 5.10 -13.24 17.21
N GLU B 245 6.14 -12.66 16.69
CA GLU B 245 7.46 -12.79 17.22
C GLU B 245 8.07 -11.40 17.33
N PRO B 246 7.49 -10.53 18.18
CA PRO B 246 8.06 -9.20 18.28
C PRO B 246 9.30 -9.17 19.14
N PHE B 247 10.25 -8.30 18.76
CA PHE B 247 11.50 -8.16 19.50
C PHE B 247 11.70 -6.67 19.63
N VAL B 248 11.41 -6.12 20.81
CA VAL B 248 11.56 -4.69 21.00
C VAL B 248 12.57 -4.29 22.08
N ARG B 249 13.28 -5.25 22.65
CA ARG B 249 14.25 -4.93 23.70
C ARG B 249 15.72 -5.22 23.44
N MET B 250 16.57 -4.26 23.82
CA MET B 250 18.01 -4.41 23.69
C MET B 250 18.55 -5.36 24.75
N GLY B 251 19.74 -5.93 24.52
CA GLY B 251 20.35 -6.80 25.52
C GLY B 251 20.32 -8.33 25.44
N GLY B 252 21.34 -8.96 26.01
CA GLY B 252 21.42 -10.41 26.04
C GLY B 252 21.66 -11.06 24.70
N THR B 253 21.58 -12.39 24.64
CA THR B 253 21.77 -13.12 23.40
C THR B 253 20.66 -12.82 22.41
N VAL B 254 19.45 -12.59 22.92
CA VAL B 254 18.28 -12.29 22.11
C VAL B 254 18.54 -10.94 21.41
N GLY B 255 18.81 -9.92 22.20
CA GLY B 255 19.09 -8.61 21.63
C GLY B 255 20.26 -8.60 20.65
N SER B 256 21.29 -9.43 20.84
CA SER B 256 22.38 -9.39 19.88
C SER B 256 22.12 -10.32 18.70
N ASN B 257 21.50 -11.48 18.90
CA ASN B 257 21.17 -12.34 17.76
C ASN B 257 20.15 -11.62 16.84
N ILE B 258 19.16 -10.92 17.42
CA ILE B 258 18.11 -10.24 16.66
C ILE B 258 18.58 -8.88 16.20
N LYS B 259 19.65 -8.41 16.81
CA LYS B 259 20.25 -7.13 16.46
C LYS B 259 19.44 -5.87 16.74
N VAL B 260 18.97 -5.82 17.98
CA VAL B 260 18.20 -4.68 18.46
C VAL B 260 19.24 -3.74 19.04
N TRP B 261 19.54 -2.64 18.34
CA TRP B 261 20.57 -1.70 18.83
C TRP B 261 20.03 -0.40 19.40
N ARG B 262 18.72 -0.31 19.53
CA ARG B 262 18.09 0.88 20.08
C ARG B 262 16.87 0.36 20.84
N ASP B 263 16.39 1.14 21.81
CA ASP B 263 15.23 0.69 22.57
C ASP B 263 13.96 0.94 21.83
N ILE B 264 13.64 -0.05 21.01
CA ILE B 264 12.46 0.00 20.18
C ILE B 264 11.17 -0.01 21.03
N SER B 265 11.24 -0.55 22.24
CA SER B 265 10.06 -0.61 23.11
C SER B 265 9.75 0.75 23.73
N ASN B 266 10.71 1.64 23.65
CA ASN B 266 10.56 2.97 24.21
C ASN B 266 10.21 2.94 25.72
N GLY B 267 11.00 2.20 26.50
CA GLY B 267 10.78 2.14 27.93
C GLY B 267 9.67 1.25 28.49
N ALA B 268 8.95 0.54 27.64
CA ALA B 268 7.87 -0.30 28.15
C ALA B 268 8.24 -1.23 29.30
N ASP B 269 7.38 -1.28 30.33
CA ASP B 269 7.63 -2.22 31.42
C ASP B 269 6.82 -3.46 31.05
N GLU B 270 6.86 -4.50 31.87
CA GLU B 270 6.15 -5.73 31.57
C GLU B 270 4.67 -5.53 31.27
N LYS B 271 4.02 -4.69 32.07
CA LYS B 271 2.58 -4.46 31.91
C LYS B 271 2.29 -3.81 30.58
N MET B 272 3.13 -2.86 30.18
CA MET B 272 2.94 -2.17 28.90
C MET B 272 3.18 -3.14 27.72
N LEU B 273 4.16 -4.04 27.84
CA LEU B 273 4.44 -5.02 26.79
C LEU B 273 3.23 -5.96 26.68
N ASP B 274 2.63 -6.23 27.84
CA ASP B 274 1.48 -7.14 27.88
C ASP B 274 0.33 -6.56 27.10
N ARG B 275 0.04 -5.28 27.34
CA ARG B 275 -1.08 -4.62 26.69
C ARG B 275 -0.85 -4.48 25.19
N GLU B 276 0.36 -4.11 24.79
CA GLU B 276 0.65 -3.98 23.36
C GLU B 276 0.52 -5.34 22.70
N ALA B 277 0.92 -6.39 23.40
CA ALA B 277 0.81 -7.74 22.85
C ALA B 277 -0.64 -8.05 22.62
N GLN B 278 -1.41 -7.75 23.65
CA GLN B 278 -2.80 -8.08 23.56
C GLN B 278 -3.53 -7.21 22.51
N ALA B 279 -3.13 -5.96 22.35
CA ALA B 279 -3.79 -5.15 21.35
C ALA B 279 -3.46 -5.71 19.93
N ALA B 280 -2.23 -6.20 19.71
CA ALA B 280 -1.80 -6.76 18.41
C ALA B 280 -2.52 -8.06 18.13
N LEU B 281 -2.85 -8.79 19.21
CA LEU B 281 -3.62 -10.05 19.09
C LEU B 281 -5.02 -9.74 18.56
N ASP B 282 -5.72 -8.78 19.18
CA ASP B 282 -7.04 -8.41 18.70
C ASP B 282 -6.94 -7.91 17.25
N PHE B 283 -5.94 -7.10 16.95
CA PHE B 283 -5.74 -6.63 15.55
C PHE B 283 -5.56 -7.87 14.65
N SER B 284 -4.63 -8.75 15.02
CA SER B 284 -4.35 -9.94 14.22
C SER B 284 -5.58 -10.80 13.96
N ARG B 285 -6.31 -11.15 15.02
CA ARG B 285 -7.53 -11.95 14.84
C ARG B 285 -8.49 -11.21 13.92
N TYR B 286 -8.53 -9.91 14.08
CA TYR B 286 -9.46 -9.15 13.28
C TYR B 286 -9.12 -9.03 11.81
N VAL B 287 -7.92 -8.55 11.50
CA VAL B 287 -7.51 -8.35 10.12
C VAL B 287 -7.13 -9.64 9.34
N LEU B 288 -6.52 -10.62 10.00
CA LEU B 288 -6.10 -11.82 9.27
C LEU B 288 -7.22 -12.79 9.04
N GLU B 289 -8.32 -12.59 9.77
CA GLU B 289 -9.56 -13.35 9.73
C GLU B 289 -9.40 -14.73 10.38
N MET C 2 15.80 17.66 -9.85
CA MET C 2 16.45 16.55 -9.09
C MET C 2 17.37 15.79 -10.05
N LYS C 3 18.59 15.50 -9.61
CA LYS C 3 19.52 14.77 -10.46
C LYS C 3 19.45 13.30 -10.12
N HIS C 4 19.44 12.46 -11.15
CA HIS C 4 19.33 11.04 -10.95
C HIS C 4 20.57 10.30 -11.44
N GLY C 5 21.05 9.38 -10.62
CA GLY C 5 22.24 8.63 -10.99
C GLY C 5 22.09 7.18 -10.63
N ILE C 6 23.14 6.41 -10.91
CA ILE C 6 23.13 5.00 -10.58
C ILE C 6 24.55 4.63 -10.13
N TYR C 7 24.64 3.61 -9.29
CA TYR C 7 25.92 3.16 -8.76
C TYR C 7 26.50 2.21 -9.80
N TYR C 8 27.76 2.45 -10.18
CA TYR C 8 28.42 1.61 -11.19
C TYR C 8 28.39 0.13 -10.79
N ALA C 9 28.49 -0.17 -9.50
CA ALA C 9 28.47 -1.55 -9.00
C ALA C 9 27.30 -2.41 -9.50
N TYR C 10 26.25 -1.77 -9.99
CA TYR C 10 25.09 -2.50 -10.54
C TYR C 10 25.59 -3.49 -11.63
N TRP C 11 26.69 -3.13 -12.29
CA TRP C 11 27.25 -3.96 -13.36
C TRP C 11 28.47 -4.78 -12.94
N GLU C 12 29.14 -4.38 -11.86
CA GLU C 12 30.38 -5.02 -11.39
C GLU C 12 30.35 -5.75 -10.06
N GLN C 13 31.21 -6.75 -9.91
CA GLN C 13 31.27 -7.51 -8.66
C GLN C 13 32.37 -7.13 -7.65
N GLU C 14 33.13 -6.06 -7.95
CA GLU C 14 34.21 -5.61 -7.08
C GLU C 14 34.10 -4.10 -6.85
N TRP C 15 34.72 -3.59 -5.79
CA TRP C 15 34.64 -2.15 -5.49
C TRP C 15 35.65 -1.27 -6.27
N GLU C 16 35.69 -1.50 -7.59
CA GLU C 16 36.53 -0.77 -8.55
C GLU C 16 36.08 -1.22 -9.96
N ALA C 17 36.40 -0.40 -10.97
CA ALA C 17 36.09 -0.69 -12.35
C ALA C 17 36.57 0.50 -13.19
N ASP C 18 36.44 0.37 -14.50
CA ASP C 18 36.82 1.45 -15.37
C ASP C 18 35.67 2.47 -15.37
N TYR C 19 35.68 3.36 -14.40
CA TYR C 19 34.64 4.37 -14.31
C TYR C 19 34.39 5.16 -15.60
N LYS C 20 35.38 5.19 -16.50
CA LYS C 20 35.21 5.95 -17.74
C LYS C 20 34.23 5.21 -18.62
N TYR C 21 34.32 3.89 -18.61
CA TYR C 21 33.39 3.07 -19.36
C TYR C 21 31.93 3.35 -18.91
N TYR C 22 31.72 3.34 -17.60
CA TYR C 22 30.39 3.59 -17.04
C TYR C 22 29.94 5.04 -17.20
N ILE C 23 30.87 5.99 -17.18
CA ILE C 23 30.50 7.38 -17.40
C ILE C 23 29.86 7.51 -18.77
N GLU C 24 30.43 6.82 -19.76
CA GLU C 24 29.91 6.88 -21.13
C GLU C 24 28.58 6.13 -21.20
N LYS C 25 28.51 5.00 -20.53
CA LYS C 25 27.28 4.22 -20.51
C LYS C 25 26.10 4.98 -19.92
N VAL C 26 26.26 5.55 -18.73
CA VAL C 26 25.12 6.19 -18.13
C VAL C 26 24.78 7.52 -18.78
N ALA C 27 25.74 8.09 -19.51
CA ALA C 27 25.46 9.35 -20.18
C ALA C 27 24.50 9.01 -21.31
N LYS C 28 24.75 7.91 -21.99
CA LYS C 28 23.88 7.55 -23.07
C LYS C 28 22.56 6.91 -22.60
N LEU C 29 22.52 6.37 -21.38
CA LEU C 29 21.24 5.82 -20.90
C LEU C 29 20.43 7.00 -20.39
N GLY C 30 21.06 8.15 -20.26
CA GLY C 30 20.34 9.31 -19.83
C GLY C 30 20.46 9.76 -18.40
N PHE C 31 21.31 9.15 -17.59
CA PHE C 31 21.42 9.59 -16.20
C PHE C 31 22.10 10.92 -16.12
N ASP C 32 22.07 11.52 -14.95
CA ASP C 32 22.75 12.81 -14.71
C ASP C 32 24.02 12.57 -13.90
N ILE C 33 24.02 11.45 -13.16
CA ILE C 33 25.12 11.12 -12.26
C ILE C 33 25.56 9.67 -12.35
N LEU C 34 26.81 9.42 -12.05
CA LEU C 34 27.32 8.05 -11.97
C LEU C 34 27.94 8.14 -10.57
N GLU C 35 27.69 7.12 -9.77
CA GLU C 35 28.27 7.13 -8.43
C GLU C 35 29.37 6.09 -8.48
N ILE C 36 30.55 6.43 -7.96
CA ILE C 36 31.65 5.46 -8.00
C ILE C 36 32.15 5.14 -6.60
N ALA C 37 32.80 3.98 -6.46
CA ALA C 37 33.36 3.55 -5.16
C ALA C 37 34.64 4.31 -4.95
N ALA C 38 34.85 4.78 -3.74
CA ALA C 38 36.05 5.52 -3.44
C ALA C 38 37.34 4.69 -3.35
N SER C 39 37.26 3.38 -3.14
CA SER C 39 38.51 2.70 -2.90
C SER C 39 39.60 2.68 -3.96
N PRO C 40 39.27 2.80 -5.25
CA PRO C 40 40.49 2.76 -6.08
C PRO C 40 41.12 4.13 -6.19
N LEU C 41 40.39 5.18 -5.84
CA LEU C 41 40.89 6.54 -5.97
C LEU C 41 42.27 6.89 -5.32
N PRO C 42 42.61 6.29 -4.17
CA PRO C 42 43.91 6.60 -3.56
C PRO C 42 45.08 6.09 -4.42
N PHE C 43 44.78 5.19 -5.34
CA PHE C 43 45.77 4.58 -6.22
C PHE C 43 45.86 5.30 -7.55
N TYR C 44 45.13 6.40 -7.69
CA TYR C 44 45.14 7.21 -8.93
C TYR C 44 46.22 8.32 -8.90
N SER C 45 46.92 8.49 -10.02
CA SER C 45 47.93 9.57 -10.16
C SER C 45 47.13 10.84 -10.43
N ASP C 46 47.75 12.01 -10.41
CA ASP C 46 46.99 13.22 -10.73
C ASP C 46 46.56 13.18 -12.19
N ILE C 47 47.33 12.46 -13.00
CA ILE C 47 46.99 12.33 -14.40
C ILE C 47 45.68 11.56 -14.50
N GLN C 48 45.57 10.46 -13.77
CA GLN C 48 44.34 9.65 -13.80
C GLN C 48 43.14 10.43 -13.26
N ILE C 49 43.32 11.17 -12.18
CA ILE C 49 42.24 11.96 -11.64
C ILE C 49 41.74 12.97 -12.68
N ASN C 50 42.68 13.67 -13.31
CA ASN C 50 42.35 14.67 -14.31
C ASN C 50 41.61 14.13 -15.50
N GLU C 51 41.91 12.90 -15.91
CA GLU C 51 41.20 12.43 -17.08
C GLU C 51 39.86 11.83 -16.77
N LEU C 52 39.65 11.47 -15.50
CA LEU C 52 38.36 10.91 -15.11
C LEU C 52 37.45 12.12 -15.02
N LYS C 53 37.96 13.21 -14.49
CA LYS C 53 37.16 14.42 -14.36
C LYS C 53 36.78 14.99 -15.70
N ALA C 54 37.74 15.02 -16.62
CA ALA C 54 37.50 15.56 -17.95
C ALA C 54 36.56 14.64 -18.73
N CYS C 55 36.60 13.34 -18.44
CA CYS C 55 35.71 12.38 -19.12
C CYS C 55 34.26 12.59 -18.64
N ALA C 56 34.10 12.82 -17.35
CA ALA C 56 32.77 13.06 -16.81
C ALA C 56 32.28 14.35 -17.45
N HIS C 57 33.11 15.40 -17.39
CA HIS C 57 32.78 16.69 -17.96
C HIS C 57 32.45 16.54 -19.45
N GLY C 58 33.17 15.64 -20.12
CA GLY C 58 32.93 15.43 -21.52
C GLY C 58 31.55 14.89 -21.80
N ASN C 59 31.16 13.86 -21.04
CA ASN C 59 29.85 13.23 -21.22
C ASN C 59 28.74 13.90 -20.42
N GLY C 60 29.06 15.03 -19.80
CA GLY C 60 28.06 15.75 -19.03
C GLY C 60 27.54 15.07 -17.77
N ILE C 61 28.29 14.11 -17.25
CA ILE C 61 27.93 13.37 -16.05
C ILE C 61 28.49 13.97 -14.78
N THR C 62 27.66 14.15 -13.76
CA THR C 62 28.17 14.61 -12.49
C THR C 62 28.59 13.33 -11.76
N LEU C 63 29.66 13.41 -10.98
CA LEU C 63 30.16 12.24 -10.28
C LEU C 63 29.95 12.38 -8.77
N THR C 64 29.45 11.32 -8.12
CA THR C 64 29.28 11.30 -6.64
C THR C 64 30.02 10.08 -6.13
N VAL C 65 30.42 10.08 -4.88
CA VAL C 65 31.18 8.93 -4.37
C VAL C 65 30.55 8.21 -3.19
N GLY C 66 30.67 6.89 -3.22
CA GLY C 66 30.18 6.10 -2.12
C GLY C 66 31.37 5.34 -1.58
N HIS C 67 31.33 5.01 -0.29
CA HIS C 67 32.42 4.27 0.29
C HIS C 67 32.03 3.45 1.53
N GLY C 68 32.38 2.17 1.49
CA GLY C 68 32.14 1.27 2.62
C GLY C 68 33.53 1.15 3.27
N PRO C 69 33.79 1.95 4.34
CA PRO C 69 35.09 1.92 5.02
C PRO C 69 35.55 0.56 5.52
N SER C 70 36.87 0.34 5.56
CA SER C 70 37.41 -0.90 6.08
C SER C 70 37.65 -0.70 7.59
N ALA C 71 37.86 -1.80 8.32
CA ALA C 71 38.16 -1.68 9.75
C ALA C 71 39.27 -0.65 9.99
N GLU C 72 40.28 -0.64 9.12
CA GLU C 72 41.42 0.30 9.23
C GLU C 72 41.08 1.77 9.07
N GLN C 73 39.91 2.06 8.50
CA GLN C 73 39.53 3.44 8.27
C GLN C 73 38.40 3.84 9.21
N ASN C 74 38.20 3.05 10.26
CA ASN C 74 37.13 3.25 11.22
C ASN C 74 37.29 4.45 12.13
N LEU C 75 36.58 5.53 11.83
CA LEU C 75 36.65 6.76 12.63
C LEU C 75 36.13 6.68 14.07
N SER C 76 35.41 5.59 14.39
CA SER C 76 34.79 5.38 15.70
C SER C 76 35.58 4.44 16.58
N SER C 77 36.70 3.91 16.06
CA SER C 77 37.51 2.95 16.77
C SER C 77 38.03 3.42 18.12
N PRO C 78 38.10 2.47 19.08
CA PRO C 78 38.61 2.81 20.42
C PRO C 78 40.12 3.02 20.29
N ASP C 79 40.72 2.34 19.31
CA ASP C 79 42.15 2.40 19.00
C ASP C 79 42.52 3.76 18.43
N PRO C 80 43.31 4.54 19.17
CA PRO C 80 43.66 5.88 18.67
C PRO C 80 44.52 5.90 17.39
N ASP C 81 45.20 4.80 17.12
CA ASP C 81 46.01 4.73 15.91
C ASP C 81 45.10 4.50 14.72
N ILE C 82 44.05 3.69 14.93
CA ILE C 82 43.15 3.46 13.84
C ILE C 82 42.42 4.74 13.53
N ARG C 83 42.06 5.49 14.55
CA ARG C 83 41.35 6.75 14.32
C ARG C 83 42.20 7.77 13.57
N LYS C 84 43.49 7.77 13.88
CA LYS C 84 44.48 8.66 13.26
C LYS C 84 44.67 8.28 11.79
N ASN C 85 44.86 6.99 11.54
CA ASN C 85 44.98 6.51 10.17
C ASN C 85 43.68 6.79 9.39
N ALA C 86 42.55 6.67 10.08
CA ALA C 86 41.26 6.88 9.45
C ALA C 86 41.13 8.31 8.97
N LYS C 87 41.47 9.26 9.82
CA LYS C 87 41.38 10.67 9.45
C LYS C 87 42.35 11.04 8.31
N ALA C 88 43.52 10.42 8.32
CA ALA C 88 44.50 10.68 7.27
C ALA C 88 43.90 10.17 5.96
N PHE C 89 43.28 8.99 6.00
CA PHE C 89 42.63 8.42 4.80
C PHE C 89 41.58 9.35 4.19
N TYR C 90 40.71 9.90 5.04
CA TYR C 90 39.67 10.80 4.57
C TYR C 90 40.25 12.13 4.16
N THR C 91 41.31 12.55 4.83
CA THR C 91 41.90 13.84 4.46
C THR C 91 42.45 13.77 3.04
N ASP C 92 43.15 12.67 2.76
CA ASP C 92 43.70 12.43 1.41
C ASP C 92 42.55 12.28 0.43
N LEU C 93 41.60 11.38 0.75
CA LEU C 93 40.46 11.12 -0.11
C LEU C 93 39.66 12.35 -0.47
N LEU C 94 39.33 13.15 0.54
CA LEU C 94 38.56 14.36 0.31
C LEU C 94 39.33 15.29 -0.62
N LYS C 95 40.66 15.40 -0.43
CA LYS C 95 41.47 16.26 -1.30
C LYS C 95 41.42 15.76 -2.75
N ARG C 96 41.40 14.45 -2.96
CA ARG C 96 41.26 13.95 -4.33
C ARG C 96 39.88 14.28 -4.91
N LEU C 97 38.85 14.24 -4.05
CA LEU C 97 37.50 14.51 -4.49
C LEU C 97 37.42 15.92 -5.04
N TYR C 98 38.15 16.84 -4.40
CA TYR C 98 38.20 18.22 -4.84
C TYR C 98 38.81 18.26 -6.24
N LYS C 99 39.94 17.58 -6.44
CA LYS C 99 40.59 17.56 -7.77
C LYS C 99 39.64 17.06 -8.84
N LEU C 100 38.72 16.20 -8.43
CA LEU C 100 37.73 15.63 -9.33
C LEU C 100 36.41 16.41 -9.47
N ASP C 101 36.31 17.56 -8.79
CA ASP C 101 35.08 18.39 -8.70
C ASP C 101 33.92 17.49 -8.28
N VAL C 102 34.18 16.63 -7.29
CA VAL C 102 33.17 15.73 -6.71
C VAL C 102 32.74 16.44 -5.45
N HIS C 103 31.45 16.74 -5.33
CA HIS C 103 31.02 17.45 -4.16
C HIS C 103 30.23 16.64 -3.16
N LEU C 104 30.25 15.32 -3.29
CA LEU C 104 29.52 14.47 -2.35
C LEU C 104 30.08 13.06 -2.16
N ILE C 105 30.24 12.66 -0.91
CA ILE C 105 30.68 11.30 -0.60
C ILE C 105 29.70 10.77 0.44
N GLY C 106 29.32 9.48 0.34
CA GLY C 106 28.37 8.90 1.30
C GLY C 106 28.56 7.45 1.62
N GLY C 107 27.99 7.02 2.75
CA GLY C 107 28.07 5.62 3.18
C GLY C 107 28.23 5.53 4.70
N ALA C 108 28.64 4.39 5.23
CA ALA C 108 28.80 4.24 6.67
C ALA C 108 30.09 4.98 7.09
N LEU C 109 30.22 6.26 6.70
CA LEU C 109 31.45 7.02 6.99
C LEU C 109 31.81 7.28 8.46
N TYR C 110 30.86 7.03 9.36
CA TYR C 110 31.08 7.23 10.80
C TYR C 110 31.53 5.91 11.42
N SER C 111 31.65 4.89 10.58
CA SER C 111 32.00 3.57 11.07
C SER C 111 32.79 2.81 9.99
N TYR C 112 32.52 1.53 9.83
CA TYR C 112 33.16 0.76 8.78
C TYR C 112 32.05 -0.16 8.28
N TRP C 113 32.19 -0.73 7.09
CA TRP C 113 31.17 -1.57 6.49
C TRP C 113 31.83 -2.64 5.61
N PRO C 114 31.38 -3.90 5.70
CA PRO C 114 30.30 -4.27 6.61
C PRO C 114 30.85 -4.50 8.03
N ILE C 115 30.00 -4.37 9.05
CA ILE C 115 30.47 -4.57 10.41
C ILE C 115 30.76 -6.05 10.62
N ASP C 116 31.80 -6.35 11.41
CA ASP C 116 32.11 -7.74 11.72
C ASP C 116 31.50 -7.94 13.10
N TYR C 117 30.36 -8.60 13.14
CA TYR C 117 29.67 -8.78 14.41
C TYR C 117 30.32 -9.70 15.40
N THR C 118 31.47 -10.26 15.08
CA THR C 118 32.10 -11.10 16.09
C THR C 118 32.89 -10.21 17.04
N LYS C 119 33.16 -8.97 16.64
CA LYS C 119 33.86 -8.06 17.55
C LYS C 119 32.82 -7.82 18.66
N THR C 120 33.16 -7.01 19.67
CA THR C 120 32.18 -6.72 20.73
C THR C 120 31.75 -5.29 20.51
N ILE C 121 30.44 -5.09 20.45
CA ILE C 121 29.87 -3.78 20.19
C ILE C 121 29.93 -2.89 21.42
N ASP C 122 30.30 -1.64 21.21
CA ASP C 122 30.28 -0.65 22.29
C ASP C 122 29.61 0.55 21.63
N LYS C 123 28.30 0.41 21.42
CA LYS C 123 27.57 1.46 20.76
C LYS C 123 27.78 2.82 21.39
N LYS C 124 27.65 2.89 22.71
CA LYS C 124 27.79 4.18 23.37
C LYS C 124 29.20 4.74 23.18
N GLY C 125 30.19 3.87 23.33
CA GLY C 125 31.57 4.29 23.15
C GLY C 125 31.86 4.65 21.69
N ASP C 126 31.51 3.76 20.76
CA ASP C 126 31.80 4.05 19.35
C ASP C 126 31.09 5.32 18.87
N TRP C 127 29.90 5.56 19.41
CA TRP C 127 29.13 6.71 19.00
C TRP C 127 29.81 8.02 19.38
N GLU C 128 30.31 8.09 20.62
CA GLU C 128 30.97 9.32 21.09
C GLU C 128 32.30 9.53 20.35
N ARG C 129 33.09 8.47 20.22
CA ARG C 129 34.33 8.60 19.47
C ARG C 129 34.00 9.04 18.03
N SER C 130 32.96 8.43 17.44
CA SER C 130 32.61 8.74 16.07
C SER C 130 32.22 10.17 15.86
N VAL C 131 31.32 10.68 16.68
CA VAL C 131 30.91 12.08 16.54
C VAL C 131 32.16 13.02 16.59
N GLU C 132 33.10 12.72 17.47
CA GLU C 132 34.29 13.56 17.57
C GLU C 132 35.09 13.48 16.27
N SER C 133 35.42 12.26 15.82
CA SER C 133 36.18 12.07 14.58
C SER C 133 35.55 12.72 13.33
N VAL C 134 34.25 12.54 13.14
CA VAL C 134 33.51 13.09 12.02
C VAL C 134 33.50 14.62 11.96
N ARG C 135 33.39 15.24 13.13
CA ARG C 135 33.39 16.69 13.22
C ARG C 135 34.76 17.20 12.73
N GLU C 136 35.82 16.49 13.08
CA GLU C 136 37.16 16.84 12.64
C GLU C 136 37.24 16.72 11.11
N VAL C 137 36.96 15.53 10.60
CA VAL C 137 36.98 15.27 9.16
C VAL C 137 36.13 16.26 8.38
N ALA C 138 35.08 16.76 9.02
CA ALA C 138 34.17 17.72 8.42
C ALA C 138 34.84 19.06 8.12
N LYS C 139 35.93 19.36 8.78
CA LYS C 139 36.57 20.64 8.50
C LYS C 139 37.26 20.47 7.15
N VAL C 140 37.91 19.32 6.96
CA VAL C 140 38.59 19.03 5.71
C VAL C 140 37.58 18.92 4.58
N ALA C 141 36.39 18.39 4.90
CA ALA C 141 35.33 18.24 3.90
C ALA C 141 34.84 19.59 3.42
N GLU C 142 34.68 20.53 4.35
CA GLU C 142 34.22 21.88 4.05
C GLU C 142 35.24 22.53 3.13
N ALA C 143 36.50 22.46 3.54
CA ALA C 143 37.61 23.00 2.78
C ALA C 143 37.65 22.45 1.34
N CYS C 144 37.36 21.16 1.16
CA CYS C 144 37.38 20.57 -0.18
C CYS C 144 36.04 20.71 -0.89
N GLY C 145 35.09 21.39 -0.24
CA GLY C 145 33.77 21.59 -0.82
C GLY C 145 32.95 20.32 -0.98
N VAL C 146 33.13 19.38 -0.06
CA VAL C 146 32.41 18.12 -0.13
C VAL C 146 31.38 17.92 0.96
N ASP C 147 30.22 17.42 0.56
CA ASP C 147 29.17 17.10 1.52
C ASP C 147 29.45 15.68 2.00
N PHE C 148 29.76 15.55 3.28
CA PHE C 148 30.05 14.28 3.93
C PHE C 148 28.69 13.73 4.39
N CYS C 149 28.12 12.79 3.63
CA CYS C 149 26.81 12.20 3.94
C CYS C 149 26.84 10.88 4.74
N LEU C 150 26.20 10.89 5.91
CA LEU C 150 26.16 9.73 6.81
C LEU C 150 24.92 8.93 6.52
N GLU C 151 25.10 7.74 5.93
CA GLU C 151 24.01 6.85 5.55
C GLU C 151 23.49 6.00 6.73
N VAL C 152 22.17 5.96 6.84
CA VAL C 152 21.49 5.21 7.88
C VAL C 152 21.35 3.80 7.30
N LEU C 153 21.85 2.78 8.00
CA LEU C 153 21.80 1.40 7.49
C LEU C 153 20.96 0.47 8.37
N ASN C 154 20.49 -0.64 7.81
CA ASN C 154 19.69 -1.56 8.61
C ASN C 154 20.66 -2.18 9.65
N ARG C 155 20.07 -2.81 10.65
CA ARG C 155 20.78 -3.43 11.80
C ARG C 155 21.80 -4.50 11.46
N PHE C 156 21.61 -5.19 10.35
CA PHE C 156 22.53 -6.24 9.98
C PHE C 156 23.82 -5.71 9.37
N GLU C 157 23.83 -4.43 9.00
CA GLU C 157 25.01 -3.90 8.35
C GLU C 157 25.73 -2.85 9.17
N ASN C 158 25.08 -2.39 10.23
CA ASN C 158 25.65 -1.37 11.07
C ASN C 158 24.81 -1.33 12.35
N TYR C 159 25.40 -0.94 13.48
CA TYR C 159 24.66 -0.89 14.73
C TYR C 159 24.58 0.53 15.29
N LEU C 160 25.34 1.46 14.71
CA LEU C 160 25.35 2.85 15.19
C LEU C 160 24.14 3.72 14.89
N ILE C 161 23.77 3.73 13.62
CA ILE C 161 22.66 4.55 13.13
C ILE C 161 21.76 3.72 12.26
N ASN C 162 20.58 3.36 12.76
CA ASN C 162 19.66 2.52 11.99
C ASN C 162 18.37 3.22 11.55
N THR C 163 18.07 4.39 12.08
CA THR C 163 16.83 5.06 11.68
C THR C 163 17.17 6.49 11.40
N ALA C 164 16.32 7.15 10.64
CA ALA C 164 16.53 8.57 10.30
C ALA C 164 16.65 9.44 11.55
N GLN C 165 15.86 9.15 12.57
CA GLN C 165 15.93 9.93 13.81
C GLN C 165 17.34 9.82 14.43
N GLU C 166 17.88 8.59 14.45
CA GLU C 166 19.22 8.39 14.99
C GLU C 166 20.19 9.20 14.14
N GLY C 167 20.01 9.17 12.83
CA GLY C 167 20.90 9.90 11.94
C GLY C 167 20.87 11.40 12.21
N VAL C 168 19.67 11.92 12.42
CA VAL C 168 19.51 13.34 12.68
C VAL C 168 20.13 13.68 14.05
N ASP C 169 20.04 12.75 15.00
CA ASP C 169 20.59 13.00 16.33
C ASP C 169 22.10 13.13 16.22
N PHE C 170 22.70 12.18 15.51
CA PHE C 170 24.14 12.14 15.30
C PHE C 170 24.65 13.39 14.56
N VAL C 171 23.99 13.73 13.46
CA VAL C 171 24.39 14.87 12.68
C VAL C 171 24.23 16.18 13.50
N LYS C 172 23.15 16.31 14.27
CA LYS C 172 22.94 17.49 15.10
C LYS C 172 24.04 17.58 16.15
N GLN C 173 24.46 16.43 16.65
CA GLN C 173 25.51 16.37 17.66
C GLN C 173 26.86 16.74 17.02
N VAL C 174 27.06 16.37 15.75
CA VAL C 174 28.30 16.72 15.06
C VAL C 174 28.29 18.23 14.88
N ASP C 175 27.14 18.77 14.52
CA ASP C 175 26.92 20.19 14.30
C ASP C 175 27.90 20.89 13.36
N HIS C 176 27.95 20.41 12.12
CA HIS C 176 28.80 21.00 11.08
C HIS C 176 28.03 20.91 9.76
N ASN C 177 27.84 22.05 9.09
CA ASN C 177 27.05 22.07 7.85
C ASN C 177 27.45 21.09 6.76
N ASN C 178 28.72 20.69 6.72
CA ASN C 178 29.14 19.75 5.69
C ASN C 178 28.82 18.28 5.98
N VAL C 179 28.07 18.04 7.05
CA VAL C 179 27.66 16.70 7.43
C VAL C 179 26.15 16.63 7.27
N LYS C 180 25.71 15.68 6.45
CA LYS C 180 24.30 15.49 6.17
C LYS C 180 23.88 14.07 6.51
N VAL C 181 22.57 13.86 6.58
CA VAL C 181 22.03 12.53 6.83
C VAL C 181 21.80 11.97 5.43
N MET C 182 21.95 10.66 5.29
CA MET C 182 21.73 10.06 4.00
C MET C 182 20.79 8.89 4.22
N LEU C 183 19.74 8.82 3.41
CA LEU C 183 18.78 7.72 3.56
C LEU C 183 18.87 6.83 2.34
N ASP C 184 18.40 5.60 2.51
CA ASP C 184 18.41 4.60 1.45
C ASP C 184 17.11 3.76 1.57
N THR C 185 16.28 3.75 0.52
CA THR C 185 15.01 3.02 0.56
C THR C 185 15.14 1.53 0.92
N PHE C 186 16.27 0.90 0.62
CA PHE C 186 16.44 -0.52 0.99
C PHE C 186 16.57 -0.61 2.52
N HIS C 187 17.26 0.36 3.10
CA HIS C 187 17.49 0.36 4.53
C HIS C 187 16.29 0.84 5.33
N MET C 188 15.61 1.87 4.84
CA MET C 188 14.42 2.40 5.48
C MET C 188 13.34 1.32 5.50
N ASN C 189 13.28 0.53 4.43
CA ASN C 189 12.29 -0.52 4.35
C ASN C 189 12.32 -1.50 5.55
N ILE C 190 13.50 -1.71 6.10
CA ILE C 190 13.61 -2.61 7.23
C ILE C 190 13.36 -1.88 8.57
N GLU C 191 14.06 -0.78 8.80
CA GLU C 191 14.00 -0.10 10.08
C GLU C 191 12.94 0.91 10.41
N GLU C 192 12.38 1.61 9.44
CA GLU C 192 11.45 2.68 9.77
C GLU C 192 10.00 2.32 10.03
N ASP C 193 9.35 3.06 10.94
CA ASP C 193 7.90 2.87 11.18
C ASP C 193 7.15 3.49 9.98
N SER C 194 7.67 4.61 9.46
CA SER C 194 7.04 5.34 8.33
C SER C 194 8.11 5.78 7.30
N ILE C 195 7.82 5.64 6.00
CA ILE C 195 8.84 6.03 5.04
C ILE C 195 8.79 7.55 4.83
N GLY C 196 7.61 8.11 4.62
CA GLY C 196 7.48 9.56 4.46
C GLY C 196 7.89 10.17 5.78
N GLY C 197 7.51 9.47 6.85
CA GLY C 197 7.90 9.95 8.17
C GLY C 197 9.42 10.05 8.33
N ALA C 198 10.16 9.05 7.87
CA ALA C 198 11.64 9.09 7.99
C ALA C 198 12.22 10.25 7.17
N ILE C 199 11.71 10.42 5.96
CA ILE C 199 12.20 11.49 5.12
C ILE C 199 11.92 12.85 5.78
N ARG C 200 10.71 13.03 6.31
CA ARG C 200 10.33 14.27 6.94
C ARG C 200 11.16 14.55 8.16
N THR C 201 11.47 13.51 8.91
CA THR C 201 12.32 13.61 10.08
C THR C 201 13.73 14.05 9.63
N ALA C 202 14.23 13.50 8.51
CA ALA C 202 15.55 13.87 7.97
C ALA C 202 15.46 15.37 7.63
N GLY C 203 14.37 15.76 6.96
CA GLY C 203 14.19 17.16 6.63
C GLY C 203 15.36 17.88 5.96
N SER C 204 15.70 19.05 6.49
CA SER C 204 16.76 19.82 5.88
C SER C 204 18.12 19.15 5.97
N TYR C 205 18.29 18.21 6.89
CA TYR C 205 19.56 17.52 7.00
C TYR C 205 19.79 16.49 5.92
N LEU C 206 18.79 16.15 5.13
CA LEU C 206 18.98 15.11 4.12
C LEU C 206 19.92 15.56 2.99
N GLY C 207 21.04 14.90 2.86
CA GLY C 207 21.97 15.30 1.81
C GLY C 207 22.06 14.40 0.61
N HIS C 208 21.59 13.16 0.73
CA HIS C 208 21.68 12.23 -0.40
C HIS C 208 20.63 11.10 -0.24
N LEU C 209 20.18 10.56 -1.36
CA LEU C 209 19.21 9.48 -1.34
C LEU C 209 19.57 8.33 -2.25
N HIS C 210 19.67 7.12 -1.68
CA HIS C 210 19.91 5.91 -2.44
C HIS C 210 18.56 5.24 -2.64
N THR C 211 18.36 4.59 -3.78
CA THR C 211 17.10 3.91 -4.05
C THR C 211 17.31 2.52 -4.57
N GLY C 212 16.38 1.64 -4.17
CA GLY C 212 16.40 0.25 -4.58
C GLY C 212 15.11 -0.33 -4.01
N GLU C 213 14.68 -1.45 -4.57
CA GLU C 213 13.48 -2.10 -4.09
C GLU C 213 13.83 -2.85 -2.82
N CYS C 214 12.83 -3.41 -2.15
CA CYS C 214 13.04 -4.12 -0.87
C CYS C 214 14.13 -5.19 -0.93
N ASN C 215 14.25 -5.83 -2.09
CA ASN C 215 15.23 -6.89 -2.30
C ASN C 215 16.34 -6.43 -3.26
N ARG C 216 16.47 -5.12 -3.41
CA ARG C 216 17.50 -4.41 -4.20
C ARG C 216 17.46 -4.35 -5.72
N LYS C 217 16.31 -4.73 -6.31
CA LYS C 217 16.11 -4.67 -7.74
C LYS C 217 16.02 -3.20 -8.13
N VAL C 218 15.98 -2.90 -9.43
CA VAL C 218 15.88 -1.51 -9.81
C VAL C 218 14.54 -0.95 -9.36
N PRO C 219 14.49 0.34 -9.06
CA PRO C 219 13.24 0.95 -8.60
C PRO C 219 12.06 0.81 -9.54
N GLY C 220 10.88 0.54 -8.94
CA GLY C 220 9.64 0.48 -9.69
C GLY C 220 8.69 -0.71 -9.70
N ARG C 221 9.20 -1.92 -9.73
CA ARG C 221 8.26 -3.03 -9.80
C ARG C 221 8.15 -3.84 -8.51
N GLY C 222 8.66 -3.27 -7.42
CA GLY C 222 8.63 -3.91 -6.11
C GLY C 222 7.62 -3.26 -5.13
N ARG C 223 7.88 -3.36 -3.83
CA ARG C 223 6.95 -2.84 -2.87
C ARG C 223 7.31 -1.51 -2.25
N ILE C 224 8.43 -0.91 -2.64
CA ILE C 224 8.79 0.38 -2.06
C ILE C 224 7.71 1.40 -2.40
N PRO C 225 7.32 2.23 -1.44
CA PRO C 225 6.26 3.20 -1.78
C PRO C 225 6.80 4.49 -2.43
N TRP C 226 7.14 4.38 -3.72
CA TRP C 226 7.70 5.49 -4.48
C TRP C 226 6.88 6.78 -4.47
N VAL C 227 5.56 6.66 -4.64
CA VAL C 227 4.73 7.87 -4.62
C VAL C 227 4.83 8.55 -3.25
N GLU C 228 4.83 7.75 -2.18
CA GLU C 228 4.94 8.34 -0.84
C GLU C 228 6.30 9.06 -0.69
N ILE C 229 7.35 8.45 -1.24
CA ILE C 229 8.70 9.06 -1.18
C ILE C 229 8.72 10.40 -1.96
N GLY C 230 8.15 10.41 -3.17
CA GLY C 230 8.10 11.64 -3.96
C GLY C 230 7.43 12.73 -3.14
N GLU C 231 6.31 12.40 -2.49
CA GLU C 231 5.58 13.35 -1.63
C GLU C 231 6.43 13.91 -0.53
N ALA C 232 7.05 13.03 0.24
CA ALA C 232 7.85 13.51 1.36
C ALA C 232 9.08 14.35 0.90
N LEU C 233 9.68 14.01 -0.24
CA LEU C 233 10.84 14.77 -0.72
C LEU C 233 10.36 16.17 -1.01
N ALA C 234 9.19 16.27 -1.66
CA ALA C 234 8.59 17.56 -1.96
C ALA C 234 8.24 18.28 -0.67
N ASP C 235 7.76 17.56 0.32
CA ASP C 235 7.44 18.20 1.60
C ASP C 235 8.69 18.89 2.19
N ILE C 236 9.84 18.25 2.08
CA ILE C 236 11.05 18.84 2.65
C ILE C 236 11.81 19.68 1.60
N GLY C 237 11.21 19.88 0.43
CA GLY C 237 11.89 20.65 -0.59
C GLY C 237 13.28 20.07 -0.80
N TYR C 238 13.30 18.78 -1.12
CA TYR C 238 14.56 18.08 -1.32
C TYR C 238 15.35 18.60 -2.53
N ASN C 239 16.58 18.98 -2.27
CA ASN C 239 17.47 19.50 -3.29
C ASN C 239 18.78 18.71 -3.30
N GLY C 240 18.72 17.54 -3.92
CA GLY C 240 19.90 16.72 -3.96
C GLY C 240 19.70 15.73 -5.06
N SER C 241 20.61 14.78 -5.15
CA SER C 241 20.48 13.78 -6.16
C SER C 241 19.78 12.58 -5.53
N VAL C 242 19.40 11.65 -6.39
CA VAL C 242 18.74 10.45 -6.01
C VAL C 242 19.53 9.44 -6.83
N VAL C 243 20.26 8.56 -6.17
CA VAL C 243 21.05 7.55 -6.87
C VAL C 243 20.52 6.12 -6.69
N MET C 244 20.15 5.43 -7.77
CA MET C 244 19.69 4.06 -7.60
C MET C 244 20.90 3.19 -7.42
N GLU C 245 20.78 2.22 -6.53
CA GLU C 245 21.90 1.37 -6.19
C GLU C 245 21.40 -0.05 -6.23
N PRO C 246 21.09 -0.53 -7.43
CA PRO C 246 20.57 -1.91 -7.44
C PRO C 246 21.65 -3.00 -7.47
N PHE C 247 21.36 -4.14 -6.85
CA PHE C 247 22.29 -5.25 -6.80
C PHE C 247 21.52 -6.48 -7.13
N VAL C 248 21.75 -7.06 -8.31
CA VAL C 248 20.99 -8.21 -8.72
C VAL C 248 21.82 -9.42 -9.14
N ARG C 249 23.13 -9.32 -8.97
CA ARG C 249 24.06 -10.40 -9.34
C ARG C 249 24.88 -11.02 -8.21
N MET C 250 24.99 -12.35 -8.23
CA MET C 250 25.79 -13.06 -7.24
C MET C 250 27.28 -12.98 -7.66
N GLY C 251 28.18 -13.37 -6.74
CA GLY C 251 29.61 -13.40 -7.01
C GLY C 251 30.46 -12.21 -6.64
N GLY C 252 31.74 -12.47 -6.37
CA GLY C 252 32.65 -11.39 -6.07
C GLY C 252 32.48 -10.79 -4.69
N THR C 253 33.26 -9.74 -4.44
CA THR C 253 33.24 -9.03 -3.19
C THR C 253 31.89 -8.33 -3.03
N VAL C 254 31.32 -7.85 -4.13
CA VAL C 254 30.06 -7.14 -4.10
C VAL C 254 28.88 -8.06 -3.70
N GLY C 255 28.79 -9.22 -4.36
CA GLY C 255 27.74 -10.17 -4.09
C GLY C 255 27.81 -10.68 -2.67
N SER C 256 29.04 -10.79 -2.17
CA SER C 256 29.31 -11.27 -0.83
C SER C 256 29.01 -10.20 0.22
N ASN C 257 29.43 -8.97 0.00
CA ASN C 257 29.13 -7.93 0.96
C ASN C 257 27.63 -7.56 1.00
N ILE C 258 26.96 -7.63 -0.16
CA ILE C 258 25.53 -7.28 -0.31
C ILE C 258 24.64 -8.46 0.02
N LYS C 259 25.23 -9.65 0.02
CA LYS C 259 24.58 -10.90 0.33
C LYS C 259 23.54 -11.32 -0.67
N VAL C 260 23.97 -11.37 -1.93
CA VAL C 260 23.11 -11.78 -3.01
C VAL C 260 23.38 -13.27 -3.15
N TRP C 261 22.41 -14.09 -2.73
CA TRP C 261 22.60 -15.52 -2.75
C TRP C 261 21.78 -16.26 -3.77
N ARG C 262 21.18 -15.55 -4.73
CA ARG C 262 20.40 -16.21 -5.78
C ARG C 262 20.50 -15.26 -6.92
N ASP C 263 20.25 -15.72 -8.12
CA ASP C 263 20.35 -14.81 -9.23
C ASP C 263 19.10 -13.97 -9.35
N ILE C 264 19.11 -12.85 -8.63
CA ILE C 264 17.96 -11.95 -8.69
C ILE C 264 17.77 -11.31 -10.09
N SER C 265 18.82 -11.20 -10.90
CA SER C 265 18.66 -10.56 -12.23
C SER C 265 17.97 -11.50 -13.19
N ASN C 266 17.94 -12.77 -12.80
CA ASN C 266 17.29 -13.79 -13.61
C ASN C 266 17.95 -13.88 -15.00
N GLY C 267 19.26 -14.10 -15.04
CA GLY C 267 19.96 -14.23 -16.29
C GLY C 267 20.16 -13.01 -17.17
N ALA C 268 19.97 -11.80 -16.65
CA ALA C 268 20.16 -10.61 -17.46
C ALA C 268 21.58 -10.48 -18.03
N ASP C 269 21.71 -10.05 -19.29
CA ASP C 269 23.04 -9.83 -19.83
C ASP C 269 23.21 -8.34 -19.70
N GLU C 270 24.36 -7.81 -20.08
CA GLU C 270 24.58 -6.38 -19.93
C GLU C 270 23.57 -5.48 -20.62
N LYS C 271 23.06 -5.88 -21.79
CA LYS C 271 22.09 -5.05 -22.48
C LYS C 271 20.76 -5.07 -21.73
N MET C 272 20.40 -6.24 -21.21
CA MET C 272 19.15 -6.37 -20.44
C MET C 272 19.28 -5.48 -19.19
N LEU C 273 20.42 -5.59 -18.48
CA LEU C 273 20.67 -4.77 -17.31
C LEU C 273 20.59 -3.30 -17.69
N ASP C 274 21.11 -2.93 -18.87
CA ASP C 274 21.05 -1.53 -19.31
C ASP C 274 19.61 -1.06 -19.51
N ARG C 275 18.81 -1.91 -20.16
CA ARG C 275 17.40 -1.65 -20.47
C ARG C 275 16.59 -1.35 -19.19
N GLU C 276 16.73 -2.22 -18.20
CA GLU C 276 16.05 -2.05 -16.92
C GLU C 276 16.53 -0.81 -16.14
N ALA C 277 17.82 -0.51 -16.13
CA ALA C 277 18.22 0.66 -15.40
C ALA C 277 17.58 1.87 -16.04
N GLN C 278 17.53 1.86 -17.37
CA GLN C 278 16.96 2.99 -18.09
C GLN C 278 15.45 3.13 -17.84
N ALA C 279 14.76 2.00 -17.81
CA ALA C 279 13.31 2.00 -17.54
C ALA C 279 13.11 2.51 -16.11
N ALA C 280 13.92 2.02 -15.17
CA ALA C 280 13.83 2.48 -13.78
C ALA C 280 14.16 3.96 -13.62
N LEU C 281 14.95 4.49 -14.54
CA LEU C 281 15.31 5.92 -14.51
C LEU C 281 14.10 6.74 -14.98
N ASP C 282 13.44 6.28 -16.04
CA ASP C 282 12.24 6.97 -16.53
C ASP C 282 11.19 6.93 -15.39
N PHE C 283 11.04 5.75 -14.79
CA PHE C 283 10.12 5.62 -13.67
C PHE C 283 10.44 6.66 -12.61
N SER C 284 11.69 6.69 -12.14
CA SER C 284 12.05 7.59 -11.04
C SER C 284 11.85 9.06 -11.31
N ARG C 285 12.14 9.50 -12.53
CA ARG C 285 11.96 10.91 -12.82
C ARG C 285 10.45 11.18 -12.82
N TYR C 286 9.69 10.24 -13.37
CA TYR C 286 8.24 10.42 -13.45
C TYR C 286 7.56 10.47 -12.08
N VAL C 287 7.77 9.43 -11.29
CA VAL C 287 7.12 9.32 -9.99
C VAL C 287 7.68 10.15 -8.86
N LEU C 288 8.99 10.28 -8.80
CA LEU C 288 9.58 11.01 -7.71
C LEU C 288 9.63 12.52 -7.77
N GLU C 289 9.41 13.13 -8.94
CA GLU C 289 9.52 14.58 -8.97
C GLU C 289 8.17 15.27 -8.76
N MET D 2 1.24 -7.81 -24.54
CA MET D 2 0.31 -6.80 -23.95
C MET D 2 0.31 -5.48 -24.71
N LYS D 3 -0.81 -5.14 -25.33
CA LYS D 3 -0.92 -3.91 -26.10
C LYS D 3 -1.50 -2.77 -25.26
N HIS D 4 -0.92 -1.57 -25.40
CA HIS D 4 -1.38 -0.41 -24.65
C HIS D 4 -2.05 0.64 -25.50
N GLY D 5 -3.20 1.10 -25.02
CA GLY D 5 -3.93 2.12 -25.74
C GLY D 5 -4.38 3.26 -24.85
N ILE D 6 -5.12 4.18 -25.44
CA ILE D 6 -5.66 5.31 -24.72
C ILE D 6 -6.92 5.78 -25.45
N TYR D 7 -7.89 6.17 -24.64
CA TYR D 7 -9.19 6.63 -25.08
C TYR D 7 -9.07 8.04 -25.61
N TYR D 8 -9.57 8.26 -26.83
CA TYR D 8 -9.48 9.58 -27.46
C TYR D 8 -10.07 10.73 -26.60
N ALA D 9 -11.15 10.45 -25.83
CA ALA D 9 -11.82 11.47 -25.02
C ALA D 9 -10.93 12.16 -24.00
N TYR D 10 -9.75 11.61 -23.80
CA TYR D 10 -8.76 12.24 -22.92
C TYR D 10 -8.50 13.66 -23.44
N TRP D 11 -8.62 13.83 -24.75
CA TRP D 11 -8.41 15.14 -25.38
C TRP D 11 -9.71 15.88 -25.75
N GLU D 12 -10.83 15.17 -25.80
CA GLU D 12 -12.12 15.76 -26.21
C GLU D 12 -13.23 15.88 -25.15
N GLN D 13 -14.15 16.84 -25.36
CA GLN D 13 -15.24 17.05 -24.42
C GLN D 13 -16.60 16.51 -24.85
N GLU D 14 -16.65 15.87 -26.01
CA GLU D 14 -17.88 15.29 -26.53
C GLU D 14 -17.57 13.86 -26.96
N TRP D 15 -18.60 13.02 -27.06
CA TRP D 15 -18.39 11.62 -27.43
C TRP D 15 -18.21 11.36 -28.91
N GLU D 16 -17.32 12.15 -29.53
CA GLU D 16 -17.02 11.98 -30.96
C GLU D 16 -15.87 12.93 -31.23
N ALA D 17 -15.19 12.69 -32.34
CA ALA D 17 -14.10 13.55 -32.73
C ALA D 17 -13.57 12.98 -34.01
N ASP D 18 -12.62 13.70 -34.60
CA ASP D 18 -12.01 13.24 -35.83
C ASP D 18 -11.03 12.17 -35.37
N TYR D 19 -11.43 10.90 -35.45
CA TYR D 19 -10.57 9.84 -34.97
C TYR D 19 -9.25 9.73 -35.71
N LYS D 20 -9.15 10.27 -36.93
CA LYS D 20 -7.88 10.18 -37.66
C LYS D 20 -6.82 11.02 -37.00
N TYR D 21 -7.19 12.22 -36.61
CA TYR D 21 -6.27 13.11 -35.94
C TYR D 21 -5.67 12.41 -34.72
N TYR D 22 -6.49 11.63 -34.00
CA TYR D 22 -6.03 10.93 -32.82
C TYR D 22 -5.22 9.69 -33.11
N ILE D 23 -5.52 8.98 -34.20
CA ILE D 23 -4.72 7.80 -34.57
C ILE D 23 -3.26 8.29 -34.86
N GLU D 24 -3.14 9.41 -35.56
CA GLU D 24 -1.82 9.92 -35.89
C GLU D 24 -1.15 10.41 -34.63
N LYS D 25 -1.90 11.10 -33.78
CA LYS D 25 -1.31 11.56 -32.55
C LYS D 25 -0.77 10.41 -31.69
N VAL D 26 -1.62 9.43 -31.38
CA VAL D 26 -1.16 8.34 -30.51
C VAL D 26 -0.10 7.44 -31.11
N ALA D 27 -0.07 7.36 -32.43
CA ALA D 27 0.98 6.53 -33.05
C ALA D 27 2.30 7.22 -32.77
N LYS D 28 2.31 8.53 -32.88
CA LYS D 28 3.52 9.30 -32.62
C LYS D 28 3.91 9.15 -31.16
N LEU D 29 2.92 9.22 -30.28
CA LEU D 29 3.19 9.08 -28.86
C LEU D 29 3.69 7.69 -28.50
N GLY D 30 3.49 6.70 -29.36
CA GLY D 30 3.98 5.37 -29.02
C GLY D 30 2.97 4.30 -28.61
N PHE D 31 1.68 4.67 -28.55
CA PHE D 31 0.62 3.72 -28.18
C PHE D 31 0.38 2.71 -29.27
N ASP D 32 -0.04 1.52 -28.88
CA ASP D 32 -0.38 0.47 -29.84
C ASP D 32 -1.84 0.62 -30.25
N ILE D 33 -2.64 1.19 -29.34
CA ILE D 33 -4.09 1.30 -29.55
C ILE D 33 -4.73 2.66 -29.32
N LEU D 34 -5.78 2.96 -30.10
CA LEU D 34 -6.56 4.15 -29.83
C LEU D 34 -7.97 3.61 -29.60
N GLU D 35 -8.63 4.07 -28.53
CA GLU D 35 -9.97 3.61 -28.29
C GLU D 35 -10.85 4.79 -28.66
N ILE D 36 -11.90 4.48 -29.40
CA ILE D 36 -12.83 5.48 -29.88
C ILE D 36 -14.24 5.19 -29.40
N ALA D 37 -15.03 6.24 -29.28
CA ALA D 37 -16.40 6.08 -28.84
C ALA D 37 -17.27 5.61 -30.01
N ALA D 38 -18.16 4.66 -29.73
CA ALA D 38 -19.06 4.11 -30.74
C ALA D 38 -20.10 5.12 -31.25
N SER D 39 -20.51 6.04 -30.39
CA SER D 39 -21.54 7.01 -30.74
C SER D 39 -21.59 7.49 -32.19
N PRO D 40 -20.55 8.21 -32.69
CA PRO D 40 -20.61 8.65 -34.09
C PRO D 40 -20.50 7.58 -35.16
N LEU D 41 -20.15 6.36 -34.81
CA LEU D 41 -20.00 5.31 -35.82
C LEU D 41 -21.21 4.98 -36.72
N PRO D 42 -22.45 4.91 -36.18
CA PRO D 42 -23.61 4.59 -37.06
C PRO D 42 -23.85 5.63 -38.21
N PHE D 43 -23.49 6.88 -37.94
CA PHE D 43 -23.62 7.95 -38.91
C PHE D 43 -22.53 7.91 -39.99
N TYR D 44 -21.65 6.90 -39.93
CA TYR D 44 -20.57 6.76 -40.92
C TYR D 44 -21.15 6.06 -42.11
N SER D 45 -20.83 6.56 -43.31
CA SER D 45 -21.26 5.97 -44.57
C SER D 45 -20.25 4.85 -44.80
N ASP D 46 -20.51 3.98 -45.76
CA ASP D 46 -19.60 2.87 -45.99
C ASP D 46 -18.22 3.33 -46.41
N ILE D 47 -18.16 4.50 -47.03
CA ILE D 47 -16.87 5.00 -47.46
C ILE D 47 -16.11 5.48 -46.23
N GLN D 48 -16.79 6.21 -45.35
CA GLN D 48 -16.18 6.71 -44.12
C GLN D 48 -15.51 5.61 -43.29
N ILE D 49 -16.08 4.41 -43.29
CA ILE D 49 -15.50 3.29 -42.55
C ILE D 49 -14.12 2.93 -43.04
N ASN D 50 -14.02 2.61 -44.32
CA ASN D 50 -12.74 2.23 -44.94
C ASN D 50 -11.68 3.27 -44.76
N GLU D 51 -12.07 4.53 -44.81
CA GLU D 51 -11.11 5.59 -44.62
C GLU D 51 -10.51 5.44 -43.20
N LEU D 52 -11.38 5.47 -42.20
CA LEU D 52 -10.95 5.31 -40.81
C LEU D 52 -10.08 4.07 -40.67
N LYS D 53 -10.57 2.94 -41.17
CA LYS D 53 -9.79 1.71 -41.11
C LYS D 53 -8.46 1.82 -41.87
N ALA D 54 -8.45 2.68 -42.90
CA ALA D 54 -7.25 2.88 -43.71
C ALA D 54 -6.26 3.66 -42.88
N CYS D 55 -6.74 4.75 -42.32
CA CYS D 55 -5.93 5.61 -41.50
C CYS D 55 -5.31 4.89 -40.32
N ALA D 56 -5.94 3.82 -39.86
CA ALA D 56 -5.44 3.05 -38.71
C ALA D 56 -4.34 2.06 -39.05
N HIS D 57 -4.57 1.23 -40.06
CA HIS D 57 -3.59 0.23 -40.48
C HIS D 57 -2.34 0.95 -40.97
N GLY D 58 -2.55 2.15 -41.51
CA GLY D 58 -1.45 2.95 -42.02
C GLY D 58 -0.50 3.26 -40.90
N ASN D 59 -1.03 3.87 -39.83
CA ASN D 59 -0.22 4.25 -38.68
C ASN D 59 0.16 3.10 -37.71
N GLY D 60 -0.23 1.88 -38.03
CA GLY D 60 0.10 0.76 -37.16
C GLY D 60 -0.58 0.82 -35.80
N ILE D 61 -1.77 1.39 -35.77
CA ILE D 61 -2.58 1.52 -34.56
C ILE D 61 -3.76 0.57 -34.64
N THR D 62 -4.04 -0.14 -33.54
CA THR D 62 -5.19 -1.05 -33.45
C THR D 62 -6.31 -0.23 -32.80
N LEU D 63 -7.53 -0.44 -33.27
CA LEU D 63 -8.69 0.32 -32.78
C LEU D 63 -9.62 -0.54 -31.95
N THR D 64 -9.98 -0.04 -30.77
CA THR D 64 -10.93 -0.74 -29.90
C THR D 64 -12.04 0.26 -29.72
N VAL D 65 -13.22 -0.21 -29.34
CA VAL D 65 -14.32 0.72 -29.16
C VAL D 65 -14.95 0.68 -27.76
N GLY D 66 -15.22 1.86 -27.22
CA GLY D 66 -15.89 1.97 -25.94
C GLY D 66 -17.28 2.56 -26.22
N HIS D 67 -18.30 2.23 -25.41
CA HIS D 67 -19.65 2.74 -25.61
C HIS D 67 -20.54 2.81 -24.35
N GLY D 68 -21.01 4.00 -24.02
CA GLY D 68 -21.91 4.14 -22.88
C GLY D 68 -23.28 4.32 -23.54
N PRO D 69 -24.08 3.25 -23.68
CA PRO D 69 -25.42 3.20 -24.29
C PRO D 69 -26.44 4.22 -23.82
N SER D 70 -27.32 4.62 -24.72
CA SER D 70 -28.37 5.56 -24.36
C SER D 70 -29.56 4.72 -23.81
N ALA D 71 -30.53 5.37 -23.18
CA ALA D 71 -31.68 4.65 -22.63
C ALA D 71 -32.36 3.81 -23.70
N GLU D 72 -32.36 4.34 -24.91
CA GLU D 72 -33.01 3.65 -26.01
C GLU D 72 -32.28 2.42 -26.53
N GLN D 73 -31.06 2.21 -26.08
CA GLN D 73 -30.30 1.04 -26.56
C GLN D 73 -30.12 0.07 -25.40
N ASN D 74 -30.95 0.23 -24.38
CA ASN D 74 -30.90 -0.55 -23.15
C ASN D 74 -31.39 -2.00 -23.22
N LEU D 75 -30.45 -2.89 -23.45
CA LEU D 75 -30.78 -4.32 -23.53
C LEU D 75 -31.46 -4.93 -22.28
N SER D 76 -31.50 -4.20 -21.17
CA SER D 76 -32.10 -4.76 -19.94
C SER D 76 -33.52 -4.26 -19.69
N SER D 77 -33.96 -3.36 -20.57
CA SER D 77 -35.27 -2.75 -20.47
C SER D 77 -36.47 -3.69 -20.38
N PRO D 78 -37.46 -3.29 -19.58
CA PRO D 78 -38.66 -4.12 -19.46
C PRO D 78 -39.54 -3.88 -20.70
N ASP D 79 -39.33 -2.74 -21.36
CA ASP D 79 -40.08 -2.40 -22.57
C ASP D 79 -39.54 -3.23 -23.72
N PRO D 80 -40.36 -4.16 -24.26
CA PRO D 80 -39.89 -5.01 -25.37
C PRO D 80 -39.47 -4.23 -26.60
N ASP D 81 -40.06 -3.07 -26.81
CA ASP D 81 -39.71 -2.26 -27.98
C ASP D 81 -38.35 -1.62 -27.81
N ILE D 82 -37.98 -1.34 -26.57
CA ILE D 82 -36.67 -0.78 -26.34
C ILE D 82 -35.64 -1.91 -26.49
N ARG D 83 -35.91 -3.09 -25.93
CA ARG D 83 -34.98 -4.20 -26.08
C ARG D 83 -34.84 -4.53 -27.57
N LYS D 84 -35.93 -4.40 -28.31
CA LYS D 84 -35.89 -4.68 -29.74
C LYS D 84 -34.93 -3.71 -30.45
N ASN D 85 -35.08 -2.42 -30.22
CA ASN D 85 -34.21 -1.45 -30.87
C ASN D 85 -32.78 -1.60 -30.41
N ALA D 86 -32.60 -2.06 -29.17
CA ALA D 86 -31.27 -2.24 -28.61
C ALA D 86 -30.54 -3.31 -29.39
N LYS D 87 -31.21 -4.42 -29.67
CA LYS D 87 -30.56 -5.49 -30.43
C LYS D 87 -30.28 -5.00 -31.85
N ALA D 88 -31.19 -4.19 -32.38
CA ALA D 88 -31.06 -3.65 -33.72
C ALA D 88 -29.81 -2.73 -33.75
N PHE D 89 -29.71 -1.88 -32.75
CA PHE D 89 -28.57 -0.98 -32.62
C PHE D 89 -27.26 -1.74 -32.57
N TYR D 90 -27.20 -2.76 -31.72
CA TYR D 90 -25.97 -3.54 -31.59
C TYR D 90 -25.67 -4.40 -32.82
N THR D 91 -26.72 -4.85 -33.49
CA THR D 91 -26.53 -5.69 -34.67
C THR D 91 -25.94 -4.80 -35.77
N ASP D 92 -26.51 -3.60 -35.94
CA ASP D 92 -25.98 -2.68 -36.93
C ASP D 92 -24.54 -2.27 -36.56
N LEU D 93 -24.38 -1.66 -35.38
CA LEU D 93 -23.07 -1.23 -34.86
C LEU D 93 -21.98 -2.27 -35.00
N LEU D 94 -22.32 -3.51 -34.66
CA LEU D 94 -21.38 -4.62 -34.72
C LEU D 94 -21.01 -4.98 -36.17
N LYS D 95 -21.95 -4.87 -37.11
CA LYS D 95 -21.59 -5.17 -38.51
C LYS D 95 -20.58 -4.10 -38.94
N ARG D 96 -20.80 -2.85 -38.57
CA ARG D 96 -19.86 -1.79 -38.89
C ARG D 96 -18.48 -2.13 -38.32
N LEU D 97 -18.43 -2.55 -37.06
CA LEU D 97 -17.17 -2.91 -36.41
C LEU D 97 -16.43 -3.98 -37.20
N TYR D 98 -17.15 -4.92 -37.77
CA TYR D 98 -16.48 -5.96 -38.53
C TYR D 98 -15.88 -5.40 -39.84
N LYS D 99 -16.51 -4.34 -40.36
CA LYS D 99 -16.07 -3.68 -41.58
C LYS D 99 -14.92 -2.71 -41.26
N LEU D 100 -14.65 -2.51 -39.98
CA LEU D 100 -13.57 -1.64 -39.53
C LEU D 100 -12.41 -2.54 -39.08
N ASP D 101 -12.69 -3.83 -38.93
CA ASP D 101 -11.73 -4.84 -38.44
C ASP D 101 -11.42 -4.53 -36.96
N VAL D 102 -12.47 -4.15 -36.20
CA VAL D 102 -12.38 -3.90 -34.77
C VAL D 102 -12.82 -5.22 -34.18
N HIS D 103 -12.10 -5.71 -33.18
CA HIS D 103 -12.47 -6.99 -32.59
C HIS D 103 -12.92 -6.90 -31.13
N LEU D 104 -13.06 -5.69 -30.62
CA LEU D 104 -13.48 -5.54 -29.25
C LEU D 104 -14.25 -4.26 -28.92
N ILE D 105 -15.36 -4.43 -28.23
CA ILE D 105 -16.17 -3.29 -27.82
C ILE D 105 -16.43 -3.48 -26.31
N GLY D 106 -16.47 -2.40 -25.54
CA GLY D 106 -16.70 -2.52 -24.10
C GLY D 106 -17.43 -1.33 -23.48
N GLY D 107 -17.95 -1.52 -22.27
CA GLY D 107 -18.68 -0.49 -21.56
C GLY D 107 -19.90 -1.13 -20.89
N ALA D 108 -20.84 -0.35 -20.38
CA ALA D 108 -22.02 -0.95 -19.74
C ALA D 108 -22.98 -1.47 -20.81
N LEU D 109 -22.45 -2.31 -21.70
CA LEU D 109 -23.22 -2.87 -22.82
C LEU D 109 -24.47 -3.63 -22.44
N TYR D 110 -24.54 -4.06 -21.17
CA TYR D 110 -25.65 -4.85 -20.65
C TYR D 110 -26.74 -3.96 -20.08
N SER D 111 -26.53 -2.65 -20.10
CA SER D 111 -27.47 -1.68 -19.57
C SER D 111 -27.39 -0.38 -20.37
N TYR D 112 -27.36 0.78 -19.71
CA TYR D 112 -27.18 2.05 -20.40
C TYR D 112 -26.36 2.94 -19.46
N TRP D 113 -25.72 3.97 -20.00
CA TRP D 113 -24.84 4.82 -19.21
C TRP D 113 -24.82 6.28 -19.68
N PRO D 114 -24.90 7.22 -18.74
CA PRO D 114 -25.01 6.87 -17.30
C PRO D 114 -26.47 6.69 -16.88
N ILE D 115 -26.77 5.82 -15.93
CA ILE D 115 -28.18 5.61 -15.62
C ILE D 115 -28.85 6.70 -14.83
N ASP D 116 -30.13 6.92 -15.13
CA ASP D 116 -30.91 7.92 -14.42
C ASP D 116 -31.46 7.22 -13.18
N TYR D 117 -30.95 7.60 -12.02
CA TYR D 117 -31.38 6.99 -10.78
C TYR D 117 -32.67 7.62 -10.28
N THR D 118 -33.26 8.43 -11.15
CA THR D 118 -34.51 9.14 -10.90
C THR D 118 -35.63 8.14 -11.06
N LYS D 119 -35.41 7.22 -11.99
CA LYS D 119 -36.36 6.17 -12.27
C LYS D 119 -36.34 5.07 -11.21
N THR D 120 -37.24 4.10 -11.37
CA THR D 120 -37.33 3.00 -10.42
C THR D 120 -36.35 1.93 -10.89
N ILE D 121 -35.60 1.34 -9.97
CA ILE D 121 -34.66 0.31 -10.40
C ILE D 121 -35.19 -1.08 -9.99
N ASP D 122 -35.10 -2.00 -10.93
CA ASP D 122 -35.55 -3.36 -10.71
C ASP D 122 -34.37 -4.24 -11.07
N LYS D 123 -33.41 -4.31 -10.16
CA LYS D 123 -32.20 -5.06 -10.41
C LYS D 123 -32.39 -6.51 -10.82
N LYS D 124 -33.27 -7.22 -10.11
CA LYS D 124 -33.54 -8.60 -10.37
C LYS D 124 -34.11 -8.79 -11.78
N GLY D 125 -35.12 -8.00 -12.12
CA GLY D 125 -35.73 -8.05 -13.42
C GLY D 125 -34.78 -7.58 -14.53
N ASP D 126 -34.11 -6.43 -14.36
CA ASP D 126 -33.19 -5.98 -15.41
C ASP D 126 -32.07 -6.98 -15.64
N TRP D 127 -31.64 -7.64 -14.57
CA TRP D 127 -30.58 -8.61 -14.69
C TRP D 127 -31.00 -9.78 -15.56
N GLU D 128 -32.19 -10.31 -15.30
CA GLU D 128 -32.63 -11.44 -16.11
C GLU D 128 -32.84 -11.09 -17.59
N ARG D 129 -33.46 -9.94 -17.87
CA ARG D 129 -33.67 -9.53 -19.27
C ARG D 129 -32.31 -9.33 -19.95
N SER D 130 -31.39 -8.65 -19.25
CA SER D 130 -30.07 -8.37 -19.82
C SER D 130 -29.32 -9.64 -20.14
N VAL D 131 -29.40 -10.62 -19.26
CA VAL D 131 -28.68 -11.85 -19.53
C VAL D 131 -29.12 -12.43 -20.87
N GLU D 132 -30.44 -12.52 -21.09
CA GLU D 132 -30.98 -13.05 -22.35
C GLU D 132 -30.63 -12.18 -23.54
N SER D 133 -30.92 -10.88 -23.44
CA SER D 133 -30.58 -9.97 -24.52
C SER D 133 -29.09 -10.09 -24.93
N VAL D 134 -28.19 -10.05 -23.95
CA VAL D 134 -26.78 -10.11 -24.25
C VAL D 134 -26.39 -11.38 -24.97
N ARG D 135 -26.94 -12.49 -24.51
CA ARG D 135 -26.64 -13.77 -25.11
C ARG D 135 -27.06 -13.79 -26.57
N GLU D 136 -28.15 -13.09 -26.88
CA GLU D 136 -28.61 -12.99 -28.25
C GLU D 136 -27.62 -12.16 -29.03
N VAL D 137 -27.37 -10.94 -28.57
CA VAL D 137 -26.41 -10.06 -29.23
C VAL D 137 -25.10 -10.79 -29.39
N ALA D 138 -24.79 -11.71 -28.47
CA ALA D 138 -23.52 -12.46 -28.52
C ALA D 138 -23.39 -13.22 -29.82
N LYS D 139 -24.50 -13.77 -30.31
CA LYS D 139 -24.50 -14.49 -31.58
C LYS D 139 -24.01 -13.56 -32.69
N VAL D 140 -24.58 -12.36 -32.76
CA VAL D 140 -24.19 -11.39 -33.75
C VAL D 140 -22.72 -10.98 -33.54
N ALA D 141 -22.29 -10.94 -32.28
CA ALA D 141 -20.91 -10.57 -32.00
C ALA D 141 -19.96 -11.68 -32.42
N GLU D 142 -20.35 -12.94 -32.22
CA GLU D 142 -19.49 -14.03 -32.60
C GLU D 142 -19.39 -14.06 -34.11
N ALA D 143 -20.39 -13.45 -34.75
CA ALA D 143 -20.42 -13.38 -36.20
C ALA D 143 -19.50 -12.28 -36.74
N CYS D 144 -19.57 -11.09 -36.17
CA CYS D 144 -18.70 -10.02 -36.64
C CYS D 144 -17.27 -10.12 -36.06
N GLY D 145 -16.93 -11.27 -35.47
CA GLY D 145 -15.61 -11.45 -34.89
C GLY D 145 -15.22 -10.43 -33.82
N VAL D 146 -16.20 -10.03 -33.01
CA VAL D 146 -16.00 -9.04 -31.96
C VAL D 146 -16.20 -9.56 -30.53
N ASP D 147 -15.34 -9.11 -29.61
CA ASP D 147 -15.48 -9.50 -28.20
C ASP D 147 -16.36 -8.48 -27.49
N PHE D 148 -17.49 -8.97 -27.01
CA PHE D 148 -18.49 -8.17 -26.33
C PHE D 148 -18.10 -8.12 -24.84
N CYS D 149 -17.49 -7.01 -24.46
CA CYS D 149 -16.95 -6.76 -23.12
C CYS D 149 -17.85 -5.96 -22.18
N LEU D 150 -18.25 -6.63 -21.09
CA LEU D 150 -19.13 -6.05 -20.07
C LEU D 150 -18.32 -5.43 -18.93
N GLU D 151 -18.25 -4.10 -18.90
CA GLU D 151 -17.44 -3.41 -17.91
C GLU D 151 -18.13 -3.27 -16.54
N VAL D 152 -17.39 -3.62 -15.48
CA VAL D 152 -17.88 -3.53 -14.10
C VAL D 152 -17.72 -2.09 -13.66
N LEU D 153 -18.83 -1.45 -13.28
CA LEU D 153 -18.84 -0.03 -12.88
C LEU D 153 -19.18 0.19 -11.40
N ASN D 154 -18.82 1.35 -10.85
CA ASN D 154 -19.06 1.64 -9.44
C ASN D 154 -20.55 1.92 -9.27
N ARG D 155 -21.02 1.79 -8.05
CA ARG D 155 -22.44 1.96 -7.72
C ARG D 155 -23.14 3.20 -8.25
N PHE D 156 -22.38 4.28 -8.45
CA PHE D 156 -22.92 5.56 -8.88
C PHE D 156 -23.20 5.66 -10.36
N GLU D 157 -22.61 4.76 -11.12
CA GLU D 157 -22.78 4.84 -12.52
C GLU D 157 -23.61 3.69 -13.03
N ASN D 158 -23.84 2.69 -12.19
CA ASN D 158 -24.63 1.54 -12.64
C ASN D 158 -24.97 0.71 -11.40
N TYR D 159 -26.07 -0.04 -11.42
CA TYR D 159 -26.45 -0.87 -10.26
C TYR D 159 -26.45 -2.39 -10.52
N LEU D 160 -26.33 -2.81 -11.77
CA LEU D 160 -26.35 -4.25 -12.11
C LEU D 160 -25.08 -5.00 -11.80
N ILE D 161 -23.95 -4.45 -12.22
CA ILE D 161 -22.67 -5.10 -11.99
C ILE D 161 -21.63 -4.15 -11.38
N ASN D 162 -21.32 -4.30 -10.07
CA ASN D 162 -20.38 -3.42 -9.37
C ASN D 162 -19.08 -4.07 -8.90
N THR D 163 -18.97 -5.38 -8.96
CA THR D 163 -17.73 -6.03 -8.52
C THR D 163 -17.35 -7.08 -9.55
N ALA D 164 -16.10 -7.53 -9.48
CA ALA D 164 -15.63 -8.49 -10.48
C ALA D 164 -16.46 -9.75 -10.32
N GLN D 165 -16.72 -10.14 -9.07
CA GLN D 165 -17.54 -11.32 -8.81
C GLN D 165 -18.92 -11.24 -9.47
N GLU D 166 -19.59 -10.10 -9.39
CA GLU D 166 -20.92 -9.99 -10.05
C GLU D 166 -20.70 -10.08 -11.56
N GLY D 167 -19.58 -9.50 -12.03
CA GLY D 167 -19.29 -9.53 -13.45
C GLY D 167 -19.14 -10.95 -13.95
N VAL D 168 -18.34 -11.73 -13.25
CA VAL D 168 -18.16 -13.11 -13.64
C VAL D 168 -19.48 -13.88 -13.58
N ASP D 169 -20.31 -13.60 -12.57
CA ASP D 169 -21.58 -14.35 -12.45
C ASP D 169 -22.46 -14.04 -13.65
N PHE D 170 -22.54 -12.77 -14.01
CA PHE D 170 -23.37 -12.44 -15.15
C PHE D 170 -22.82 -13.13 -16.41
N VAL D 171 -21.53 -12.96 -16.67
CA VAL D 171 -20.92 -13.54 -17.87
C VAL D 171 -21.10 -15.04 -17.91
N LYS D 172 -20.94 -15.70 -16.77
CA LYS D 172 -21.12 -17.16 -16.78
C LYS D 172 -22.59 -17.50 -17.06
N GLN D 173 -23.51 -16.65 -16.64
CA GLN D 173 -24.91 -16.89 -16.91
C GLN D 173 -25.23 -16.78 -18.41
N VAL D 174 -24.62 -15.79 -19.07
CA VAL D 174 -24.80 -15.56 -20.48
C VAL D 174 -24.31 -16.81 -21.20
N ASP D 175 -23.23 -17.37 -20.66
CA ASP D 175 -22.63 -18.59 -21.19
C ASP D 175 -22.40 -18.54 -22.68
N HIS D 176 -21.51 -17.64 -23.10
CA HIS D 176 -21.20 -17.50 -24.50
C HIS D 176 -19.80 -16.98 -24.71
N ASN D 177 -19.03 -17.78 -25.46
CA ASN D 177 -17.65 -17.54 -25.79
C ASN D 177 -17.23 -16.12 -26.16
N ASN D 178 -18.13 -15.32 -26.71
CA ASN D 178 -17.77 -13.95 -27.11
C ASN D 178 -18.12 -12.82 -26.12
N VAL D 179 -18.56 -13.17 -24.92
CA VAL D 179 -18.90 -12.17 -23.91
C VAL D 179 -17.83 -12.27 -22.80
N LYS D 180 -17.21 -11.16 -22.48
CA LYS D 180 -16.17 -11.16 -21.47
C LYS D 180 -16.50 -10.15 -20.36
N VAL D 181 -15.71 -10.25 -19.30
CA VAL D 181 -15.79 -9.35 -18.16
C VAL D 181 -14.70 -8.34 -18.47
N MET D 182 -14.93 -7.11 -18.08
CA MET D 182 -13.97 -6.03 -18.28
C MET D 182 -13.87 -5.25 -16.95
N LEU D 183 -12.64 -4.99 -16.52
CA LEU D 183 -12.39 -4.26 -15.29
C LEU D 183 -11.80 -2.88 -15.59
N ASP D 184 -11.94 -1.99 -14.62
CA ASP D 184 -11.47 -0.62 -14.73
C ASP D 184 -10.94 -0.20 -13.36
N THR D 185 -9.66 0.17 -13.30
CA THR D 185 -9.07 0.55 -12.03
C THR D 185 -9.79 1.65 -11.31
N PHE D 186 -10.48 2.53 -12.03
CA PHE D 186 -11.20 3.62 -11.38
C PHE D 186 -12.39 3.07 -10.55
N HIS D 187 -13.10 2.13 -11.17
CA HIS D 187 -14.26 1.48 -10.57
C HIS D 187 -13.89 0.45 -9.51
N MET D 188 -12.87 -0.37 -9.76
CA MET D 188 -12.41 -1.37 -8.79
C MET D 188 -11.99 -0.65 -7.50
N ASN D 189 -11.33 0.50 -7.65
CA ASN D 189 -10.83 1.25 -6.52
C ASN D 189 -11.94 1.61 -5.49
N ILE D 190 -13.14 1.73 -5.99
CA ILE D 190 -14.28 2.05 -5.15
C ILE D 190 -14.91 0.76 -4.61
N GLU D 191 -15.32 -0.14 -5.49
CA GLU D 191 -16.08 -1.31 -5.06
C GLU D 191 -15.44 -2.56 -4.54
N GLU D 192 -14.17 -2.78 -4.82
CA GLU D 192 -13.54 -4.06 -4.47
C GLU D 192 -12.90 -4.18 -3.16
N ASP D 193 -12.98 -5.34 -2.54
CA ASP D 193 -12.20 -5.49 -1.33
C ASP D 193 -10.70 -5.54 -1.68
N SER D 194 -10.37 -6.22 -2.79
CA SER D 194 -8.98 -6.43 -3.23
C SER D 194 -8.80 -6.20 -4.74
N ILE D 195 -7.81 -5.42 -5.14
CA ILE D 195 -7.60 -5.17 -6.55
C ILE D 195 -7.08 -6.47 -7.21
N GLY D 196 -6.00 -7.04 -6.69
CA GLY D 196 -5.46 -8.27 -7.25
C GLY D 196 -6.45 -9.38 -7.10
N GLY D 197 -7.23 -9.33 -6.03
CA GLY D 197 -8.24 -10.37 -5.85
C GLY D 197 -9.31 -10.30 -6.91
N ALA D 198 -9.72 -9.08 -7.26
CA ALA D 198 -10.74 -8.92 -8.27
C ALA D 198 -10.23 -9.41 -9.64
N ILE D 199 -9.00 -9.02 -9.96
CA ILE D 199 -8.44 -9.47 -11.23
C ILE D 199 -8.36 -11.00 -11.26
N ARG D 200 -7.89 -11.62 -10.18
CA ARG D 200 -7.81 -13.07 -10.15
C ARG D 200 -9.22 -13.66 -10.27
N THR D 201 -10.22 -13.00 -9.70
CA THR D 201 -11.59 -13.51 -9.79
C THR D 201 -12.04 -13.51 -11.27
N ALA D 202 -11.73 -12.43 -11.99
CA ALA D 202 -12.13 -12.34 -13.39
C ALA D 202 -11.45 -13.50 -14.17
N GLY D 203 -10.17 -13.73 -13.89
CA GLY D 203 -9.44 -14.83 -14.49
C GLY D 203 -9.47 -14.86 -16.00
N SER D 204 -9.92 -15.98 -16.55
CA SER D 204 -9.97 -16.10 -18.00
C SER D 204 -11.10 -15.30 -18.64
N TYR D 205 -12.04 -14.84 -17.83
CA TYR D 205 -13.14 -14.07 -18.38
C TYR D 205 -12.74 -12.62 -18.67
N LEU D 206 -11.62 -12.18 -18.08
CA LEU D 206 -11.17 -10.80 -18.30
C LEU D 206 -10.83 -10.57 -19.77
N GLY D 207 -11.57 -9.69 -20.41
CA GLY D 207 -11.33 -9.40 -21.82
C GLY D 207 -10.79 -8.01 -22.13
N HIS D 208 -10.73 -7.13 -21.15
CA HIS D 208 -10.27 -5.80 -21.48
C HIS D 208 -10.04 -5.09 -20.16
N LEU D 209 -9.14 -4.13 -20.14
CA LEU D 209 -8.85 -3.40 -18.92
C LEU D 209 -8.65 -1.92 -19.19
N HIS D 210 -9.35 -1.09 -18.41
CA HIS D 210 -9.21 0.37 -18.49
C HIS D 210 -8.40 0.75 -17.26
N THR D 211 -7.52 1.73 -17.39
CA THR D 211 -6.71 2.15 -16.26
C THR D 211 -6.83 3.65 -16.07
N GLY D 212 -6.56 4.10 -14.86
CA GLY D 212 -6.63 5.50 -14.53
C GLY D 212 -6.45 5.56 -13.04
N GLU D 213 -6.04 6.72 -12.54
CA GLU D 213 -5.84 6.88 -11.11
C GLU D 213 -7.19 6.95 -10.40
N CYS D 214 -7.14 7.01 -9.08
CA CYS D 214 -8.38 7.06 -8.30
C CYS D 214 -9.29 8.17 -8.76
N ASN D 215 -8.69 9.34 -9.09
CA ASN D 215 -9.48 10.47 -9.56
C ASN D 215 -9.46 10.72 -11.06
N ARG D 216 -9.08 9.67 -11.79
CA ARG D 216 -9.09 9.66 -13.25
C ARG D 216 -7.94 10.30 -13.98
N LYS D 217 -6.88 10.66 -13.25
CA LYS D 217 -5.69 11.21 -13.87
C LYS D 217 -5.01 10.04 -14.59
N VAL D 218 -4.05 10.33 -15.46
CA VAL D 218 -3.34 9.26 -16.17
C VAL D 218 -2.58 8.42 -15.11
N PRO D 219 -2.33 7.14 -15.41
CA PRO D 219 -1.62 6.25 -14.48
C PRO D 219 -0.23 6.69 -13.99
N GLY D 220 0.04 6.45 -12.71
CA GLY D 220 1.37 6.71 -12.19
C GLY D 220 1.70 7.38 -10.89
N ARG D 221 1.13 8.55 -10.66
CA ARG D 221 1.46 9.30 -9.48
C ARG D 221 0.33 9.36 -8.45
N GLY D 222 -0.71 8.56 -8.65
CA GLY D 222 -1.82 8.53 -7.70
C GLY D 222 -1.71 7.36 -6.74
N ARG D 223 -2.84 6.88 -6.21
CA ARG D 223 -2.80 5.78 -5.24
C ARG D 223 -3.14 4.38 -5.75
N ILE D 224 -3.41 4.21 -7.03
CA ILE D 224 -3.72 2.87 -7.57
C ILE D 224 -2.52 1.91 -7.35
N PRO D 225 -2.78 0.65 -6.92
CA PRO D 225 -1.70 -0.30 -6.69
C PRO D 225 -1.23 -0.99 -7.99
N TRP D 226 -0.57 -0.21 -8.84
CA TRP D 226 -0.12 -0.75 -10.15
C TRP D 226 0.70 -2.03 -10.11
N VAL D 227 1.64 -2.14 -9.17
CA VAL D 227 2.43 -3.36 -9.13
C VAL D 227 1.52 -4.58 -8.86
N GLU D 228 0.64 -4.43 -7.86
CA GLU D 228 -0.29 -5.51 -7.49
C GLU D 228 -1.10 -5.85 -8.72
N ILE D 229 -1.47 -4.82 -9.50
CA ILE D 229 -2.26 -5.09 -10.72
C ILE D 229 -1.43 -5.93 -11.70
N GLY D 230 -0.22 -5.48 -12.00
CA GLY D 230 0.62 -6.25 -12.90
C GLY D 230 0.82 -7.68 -12.43
N GLU D 231 1.10 -7.87 -11.13
CA GLU D 231 1.30 -9.23 -10.63
C GLU D 231 0.05 -10.09 -10.83
N ALA D 232 -1.13 -9.49 -10.59
CA ALA D 232 -2.41 -10.21 -10.80
C ALA D 232 -2.64 -10.57 -12.30
N LEU D 233 -2.32 -9.65 -13.23
CA LEU D 233 -2.50 -9.92 -14.68
C LEU D 233 -1.55 -11.10 -15.07
N ALA D 234 -0.35 -11.10 -14.49
CA ALA D 234 0.58 -12.17 -14.71
C ALA D 234 -0.03 -13.45 -14.09
N ASP D 235 -0.59 -13.37 -12.88
CA ASP D 235 -1.22 -14.57 -12.29
C ASP D 235 -2.28 -15.16 -13.23
N ILE D 236 -3.12 -14.33 -13.85
CA ILE D 236 -4.13 -14.90 -14.73
C ILE D 236 -3.66 -15.01 -16.20
N GLY D 237 -2.42 -14.64 -16.48
CA GLY D 237 -1.90 -14.74 -17.82
C GLY D 237 -2.62 -13.85 -18.78
N TYR D 238 -3.01 -12.68 -18.31
CA TYR D 238 -3.73 -11.76 -19.18
C TYR D 238 -2.94 -11.48 -20.46
N ASN D 239 -3.61 -11.59 -21.58
CA ASN D 239 -2.94 -11.33 -22.85
C ASN D 239 -3.42 -10.00 -23.40
N GLY D 240 -4.71 -9.73 -23.16
CA GLY D 240 -5.40 -8.55 -23.62
C GLY D 240 -4.71 -7.21 -23.66
N SER D 241 -5.51 -6.22 -23.98
CA SER D 241 -5.09 -4.84 -24.10
C SER D 241 -5.33 -4.09 -22.77
N VAL D 242 -4.59 -3.00 -22.56
CA VAL D 242 -4.74 -2.19 -21.37
C VAL D 242 -4.89 -0.82 -21.97
N VAL D 243 -6.05 -0.20 -21.74
CA VAL D 243 -6.34 1.13 -22.26
C VAL D 243 -6.52 2.16 -21.15
N MET D 244 -5.68 3.20 -21.12
CA MET D 244 -5.85 4.23 -20.10
C MET D 244 -7.03 5.11 -20.55
N GLU D 245 -7.81 5.54 -19.57
CA GLU D 245 -9.01 6.31 -19.76
C GLU D 245 -8.93 7.52 -18.86
N PRO D 246 -7.93 8.36 -19.09
CA PRO D 246 -7.85 9.52 -18.22
C PRO D 246 -8.88 10.60 -18.55
N PHE D 247 -9.37 11.29 -17.53
CA PHE D 247 -10.36 12.35 -17.71
C PHE D 247 -9.98 13.49 -16.79
N VAL D 248 -9.31 14.51 -17.33
CA VAL D 248 -8.87 15.59 -16.49
C VAL D 248 -9.43 16.94 -16.87
N ARG D 249 -10.39 16.98 -17.78
CA ARG D 249 -10.94 18.26 -18.21
C ARG D 249 -12.42 18.56 -17.98
N MET D 250 -12.72 19.76 -17.47
CA MET D 250 -14.09 20.19 -17.25
C MET D 250 -14.78 20.47 -18.58
N GLY D 251 -16.09 20.67 -18.54
CA GLY D 251 -16.86 21.00 -19.73
C GLY D 251 -17.38 19.93 -20.69
N GLY D 252 -18.46 20.28 -21.38
CA GLY D 252 -19.06 19.39 -22.36
C GLY D 252 -19.84 18.20 -21.81
N THR D 253 -20.18 17.27 -22.69
CA THR D 253 -20.91 16.09 -22.29
C THR D 253 -19.96 15.13 -21.58
N VAL D 254 -18.70 15.12 -21.98
CA VAL D 254 -17.77 14.23 -21.33
C VAL D 254 -17.56 14.73 -19.91
N GLY D 255 -17.31 16.02 -19.76
CA GLY D 255 -17.08 16.60 -18.45
C GLY D 255 -18.28 16.39 -17.52
N SER D 256 -19.48 16.39 -18.11
CA SER D 256 -20.67 16.23 -17.33
C SER D 256 -20.94 14.77 -16.99
N ASN D 257 -20.79 13.88 -17.96
CA ASN D 257 -21.03 12.44 -17.72
C ASN D 257 -19.99 11.89 -16.73
N ILE D 258 -18.72 12.27 -16.90
CA ILE D 258 -17.63 11.79 -16.05
C ILE D 258 -17.62 12.54 -14.72
N LYS D 259 -18.31 13.66 -14.70
CA LYS D 259 -18.42 14.48 -13.50
C LYS D 259 -17.13 15.14 -13.01
N VAL D 260 -16.46 15.81 -13.94
CA VAL D 260 -15.24 16.56 -13.66
C VAL D 260 -15.71 17.98 -13.34
N TRP D 261 -15.65 18.36 -12.07
CA TRP D 261 -16.14 19.66 -11.59
C TRP D 261 -15.04 20.64 -11.15
N ARG D 262 -13.81 20.30 -11.49
CA ARG D 262 -12.63 21.10 -11.17
C ARG D 262 -11.62 20.77 -12.27
N ASP D 263 -10.71 21.70 -12.53
CA ASP D 263 -9.73 21.46 -13.59
C ASP D 263 -8.60 20.57 -13.05
N ILE D 264 -8.81 19.28 -13.16
CA ILE D 264 -7.86 18.31 -12.68
C ILE D 264 -6.61 18.34 -13.56
N SER D 265 -6.70 18.90 -14.77
CA SER D 265 -5.56 18.96 -15.69
C SER D 265 -4.61 20.05 -15.27
N ASN D 266 -5.08 20.95 -14.43
CA ASN D 266 -4.25 22.03 -13.93
C ASN D 266 -3.70 22.87 -15.10
N GLY D 267 -4.62 23.25 -15.98
CA GLY D 267 -4.31 24.10 -17.13
C GLY D 267 -3.37 23.52 -18.17
N ALA D 268 -3.40 22.21 -18.35
CA ALA D 268 -2.54 21.61 -19.33
C ALA D 268 -3.05 21.95 -20.73
N ASP D 269 -2.14 22.21 -21.68
CA ASP D 269 -2.56 22.47 -23.06
C ASP D 269 -2.42 21.14 -23.75
N GLU D 270 -2.75 21.08 -25.03
CA GLU D 270 -2.67 19.82 -25.74
C GLU D 270 -1.30 19.18 -25.71
N LYS D 271 -0.25 19.99 -25.68
CA LYS D 271 1.13 19.49 -25.69
C LYS D 271 1.46 18.87 -24.33
N MET D 272 1.01 19.54 -23.27
CA MET D 272 1.21 19.07 -21.91
C MET D 272 0.43 17.74 -21.73
N LEU D 273 -0.80 17.69 -22.21
CA LEU D 273 -1.58 16.45 -22.12
C LEU D 273 -0.89 15.33 -22.87
N ASP D 274 -0.23 15.67 -23.98
CA ASP D 274 0.46 14.66 -24.79
C ASP D 274 1.62 14.03 -24.01
N ARG D 275 2.38 14.90 -23.34
CA ARG D 275 3.53 14.46 -22.56
C ARG D 275 3.13 13.55 -21.40
N GLU D 276 2.12 13.97 -20.65
CA GLU D 276 1.67 13.15 -19.53
C GLU D 276 1.15 11.83 -20.00
N ALA D 277 0.40 11.80 -21.09
CA ALA D 277 -0.08 10.52 -21.53
C ALA D 277 1.09 9.64 -21.93
N GLN D 278 2.10 10.26 -22.56
CA GLN D 278 3.27 9.52 -23.02
C GLN D 278 4.07 8.99 -21.81
N ALA D 279 4.28 9.82 -20.82
CA ALA D 279 4.98 9.34 -19.64
C ALA D 279 4.18 8.19 -18.99
N ALA D 280 2.84 8.32 -18.90
CA ALA D 280 1.99 7.28 -18.27
C ALA D 280 2.06 5.98 -19.02
N LEU D 281 2.28 6.09 -20.32
CA LEU D 281 2.40 4.93 -21.20
C LEU D 281 3.69 4.20 -20.85
N ASP D 282 4.79 4.96 -20.72
CA ASP D 282 6.05 4.32 -20.37
C ASP D 282 5.90 3.62 -19.01
N PHE D 283 5.29 4.34 -18.05
CA PHE D 283 5.06 3.78 -16.71
C PHE D 283 4.28 2.47 -16.80
N SER D 284 3.18 2.47 -17.53
CA SER D 284 2.30 1.29 -17.67
C SER D 284 2.99 0.11 -18.29
N ARG D 285 3.74 0.35 -19.36
CA ARG D 285 4.48 -0.76 -20.00
C ARG D 285 5.53 -1.27 -18.99
N TYR D 286 6.14 -0.36 -18.26
CA TYR D 286 7.15 -0.77 -17.32
C TYR D 286 6.60 -1.60 -16.15
N VAL D 287 5.70 -0.99 -15.37
CA VAL D 287 5.13 -1.65 -14.20
C VAL D 287 4.19 -2.81 -14.47
N LEU D 288 3.29 -2.68 -15.45
CA LEU D 288 2.32 -3.73 -15.69
C LEU D 288 2.78 -5.02 -16.32
N GLU D 289 3.87 -5.00 -17.07
CA GLU D 289 4.30 -6.21 -17.77
C GLU D 289 5.25 -7.10 -16.98
N CYS D 290 5.43 -8.35 -17.38
CA CYS D 290 6.36 -9.25 -16.69
C CYS D 290 5.93 -9.66 -15.28
C1 PSJ E . -22.89 10.48 2.30
O1 PSJ E . -22.17 9.85 1.25
C2 PSJ E . -21.93 10.89 3.43
O2 PSJ E . -20.82 10.42 3.57
C3 PSJ E . -22.42 12.05 4.32
O3 PSJ E . -21.95 11.77 5.65
C4 PSJ E . -23.94 12.16 4.33
O4 PSJ E . -24.34 13.46 4.77
C5 PSJ E . -24.56 11.14 5.30
O5 PSJ E . -24.14 9.82 4.97
C6 PSJ E . -26.08 11.31 5.19
O6 PSJ E . -26.75 10.62 6.25
MN MN F . -19.69 10.78 5.32
C1 PSJ G . 14.93 -15.06 13.34
O1 PSJ G . 15.03 -13.87 12.54
C2 PSJ G . 13.50 -15.58 13.24
O2 PSJ G . 12.61 -14.92 12.69
C3 PSJ G . 13.29 -17.08 13.45
O3 PSJ G . 11.94 -17.26 13.88
C4 PSJ G . 14.26 -17.65 14.50
O4 PSJ G . 14.25 -19.08 14.42
C5 PSJ G . 13.84 -17.27 15.92
O5 PSJ G . 13.71 -15.84 16.02
C6 PSJ G . 14.94 -17.80 16.84
O6 PSJ G . 14.61 -17.61 18.22
MN MN H . 10.69 -15.97 12.59
C1 PSJ I . 25.31 -0.88 1.79
O1 PSJ I . 24.22 -1.78 1.97
C2 PSJ I . 24.79 0.45 1.25
O2 PSJ I . 23.58 0.60 1.01
C3 PSJ I . 25.74 1.64 1.28
O3 PSJ I . 25.38 2.57 0.26
C4 PSJ I . 27.21 1.25 1.09
O4 PSJ I . 28.04 2.34 1.51
C5 PSJ I . 27.55 0.96 -0.37
O5 PSJ I . 26.72 -0.08 -0.88
C6 PSJ I . 29.03 0.53 -0.41
O6 PSJ I . 29.48 0.30 -1.75
MN MN J . 23.05 2.60 0.03
C1 PSJ K . -17.48 5.26 -17.35
O1 PSJ K . -17.03 5.67 -16.06
C2 PSJ K . -16.42 4.30 -17.89
O2 PSJ K . -15.41 4.08 -17.25
C3 PSJ K . -16.82 3.40 -19.07
O3 PSJ K . -15.61 2.97 -19.70
C4 PSJ K . -17.68 4.14 -20.11
O4 PSJ K . -18.34 3.23 -20.97
C5 PSJ K . -16.84 5.07 -20.98
O5 PSJ K . -16.24 6.08 -20.16
C6 PSJ K . -17.80 5.68 -22.01
O6 PSJ K . -17.20 6.74 -22.75
MN MN L . -13.92 2.52 -18.04
#